data_4Q4W
#
_entry.id   4Q4W
#
_cell.length_a   306.556
_cell.length_b   366.509
_cell.length_c   368.101
_cell.angle_alpha   90.00
_cell.angle_beta   90.00
_cell.angle_gamma   90.00
#
_symmetry.space_group_name_H-M   'I 2 2 2'
#
loop_
_entity.id
_entity.type
_entity.pdbx_description
1 polymer 'Coxsackievirus capsid protein VP1'
2 polymer 'Coxsackievirus capsid protein VP2'
3 polymer 'Coxsackievirus capsid protein VP3'
4 polymer 'Coxsackievirus capsid protein VP4'
5 non-polymer HEXANE-1,6-DIOL
6 non-polymer 'CALCIUM ION'
7 non-polymer 'CHLORIDE ION'
8 water water
#
loop_
_entity_poly.entity_id
_entity_poly.type
_entity_poly.pdbx_seq_one_letter_code
_entity_poly.pdbx_strand_id
1 'polypeptide(L)'
;GIEETIDTVITNALQLSQPKPQKQPTAQSTPLTSGVNSQEVPALTAVETGASGQAVPSDVIETRHVVNYKTRSESTLESF
FGRSACVTILEVENFNATTDADRKKQFTTWAITYTDTVQLRRKLEFFTYSRFDLEMTFVITERYYASNTGHARNQVYQLM
YIPPGAPRPTAWDDYTWQSSSNPSVFYTYGSAPPRMSIPYVGIANAYSHFYDGFARVPLKDETVDSGDTYYGLVTINDFG
TLAVRVVNEYNPARITSKIRVYMKPKHVRCWCPRPPRAVPYRGEGVDFKQDSITPLTAVENINTF
;
1
2 'polypeptide(L)'
;SPNVEACGYSDRVRQITLGNSTITTQEAANAVVAYGEWPSYLDDKEANPIDAPTEPDVSSNRFYTLDSVQWKSTSRGWWW
KLPDALKDMGMFGQNMYYHYLGRSGYTVHVQCNASKFHQGALGVFAIPEYVMACNTEAKTSYVSYVNANPGEKGGVFDNA
YNPSAEASEGRKFAALDYLLGCGVLAGNAFVYPHQIINLRTNNSATLVLPYVNSLAIDCMAKHNNWGLVILPLCKLDYAP
NSSTEIPITVTIAPMFTEFNGLRNITVPATQ
;
2
3 'polypeptide(L)'
;GLPTMLTPGSSQFLTSDDFQSPCALPNFDVTPPIHIPGEVFNMMELAEIDSMIPMNSVTGKANTMEMYPIPLDDKGSATP
IFSISLSPASDKRLQYTMLGEILNYYTHWTGSLRFTFLFCGSMMATGKILLSYSPPGAKPPTTRKDAMLGTHIIWDLGLQ
SSCTMLAPWISNTVYRRCIKDDFTEGGYITCFYQTRIVVPSGTPTSMFMLAFVSACPDFSVRLLRDTNHISQRTLFARAQ
;
3
4 'polypeptide(L)' MGAQVSSQKVGAHENTNVATGGSTVNYTTINYYKDSASNAASKLDFSQDPSKFTEPVKDIMIKTAPALN 4
#
loop_
_chem_comp.id
_chem_comp.type
_chem_comp.name
_chem_comp.formula
CA non-polymer 'CALCIUM ION' 'Ca 2'
CL non-polymer 'CHLORIDE ION' 'Cl -1'
HEZ non-polymer HEXANE-1,6-DIOL 'C6 H14 O2'
#
# COMPACT_ATOMS: atom_id res chain seq x y z
N PRO A 25 17.87 -3.72 19.56
CA PRO A 25 16.54 -3.23 19.94
C PRO A 25 15.49 -4.34 19.90
N THR A 26 14.61 -4.34 20.89
CA THR A 26 13.59 -5.37 21.03
C THR A 26 12.19 -4.79 20.93
N ALA A 27 11.21 -5.65 20.70
CA ALA A 27 9.81 -5.27 20.82
C ALA A 27 9.50 -4.97 22.29
N GLN A 28 8.36 -4.34 22.53
CA GLN A 28 8.07 -3.75 23.85
C GLN A 28 7.86 -4.79 24.95
N SER A 29 8.50 -4.55 26.09
CA SER A 29 8.25 -5.31 27.31
C SER A 29 6.95 -4.82 27.94
N THR A 30 6.39 -5.62 28.85
CA THR A 30 5.16 -5.24 29.53
C THR A 30 5.49 -4.91 30.99
N PRO A 31 5.07 -3.73 31.47
CA PRO A 31 5.34 -3.36 32.85
C PRO A 31 4.34 -3.99 33.82
N LEU A 32 4.77 -4.18 35.06
CA LEU A 32 3.88 -4.56 36.15
C LEU A 32 2.91 -3.41 36.44
N THR A 33 1.61 -3.67 36.32
CA THR A 33 0.59 -2.67 36.68
C THR A 33 -0.58 -3.33 37.38
N SER A 34 -1.20 -2.58 38.29
CA SER A 34 -2.41 -3.03 38.97
C SER A 34 -3.60 -2.28 38.35
N GLY A 35 -4.68 -2.12 39.11
CA GLY A 35 -5.88 -1.48 38.61
C GLY A 35 -5.85 0.03 38.76
N VAL A 36 -6.95 0.67 38.37
CA VAL A 36 -7.11 2.11 38.48
C VAL A 36 -8.56 2.45 38.79
N ASN A 37 -8.75 3.65 39.35
CA ASN A 37 -10.08 4.25 39.47
C ASN A 37 -9.82 5.75 39.36
N SER A 38 -10.00 6.27 38.16
CA SER A 38 -9.33 7.51 37.80
C SER A 38 -10.05 8.29 36.71
N GLN A 39 -9.78 9.60 36.67
CA GLN A 39 -10.23 10.45 35.57
C GLN A 39 -9.36 10.31 34.32
N GLU A 40 -8.25 9.57 34.42
CA GLU A 40 -7.45 9.22 33.25
C GLU A 40 -8.11 8.05 32.54
N VAL A 41 -8.47 8.24 31.27
CA VAL A 41 -9.24 7.24 30.53
C VAL A 41 -8.55 6.91 29.20
N PRO A 42 -7.47 6.12 29.27
CA PRO A 42 -6.74 5.73 28.06
C PRO A 42 -7.51 4.79 27.13
N ALA A 43 -8.57 4.17 27.63
CA ALA A 43 -9.37 3.25 26.81
C ALA A 43 -10.22 3.97 25.76
N LEU A 44 -10.54 5.24 25.99
CA LEU A 44 -11.35 6.01 25.04
C LEU A 44 -10.47 6.88 24.16
N THR A 45 -10.91 7.11 22.94
CA THR A 45 -10.22 8.00 22.02
C THR A 45 -11.22 8.50 20.98
N ALA A 46 -10.70 9.10 19.91
CA ALA A 46 -11.53 9.55 18.80
C ALA A 46 -10.75 9.38 17.51
N VAL A 47 -11.02 8.29 16.80
CA VAL A 47 -10.26 7.99 15.58
C VAL A 47 -10.63 8.91 14.40
N GLU A 48 -11.65 9.75 14.57
CA GLU A 48 -11.92 10.81 13.59
C GLU A 48 -10.70 11.68 13.34
N THR A 49 -9.85 11.81 14.36
CA THR A 49 -8.62 12.60 14.28
C THR A 49 -7.64 12.13 13.20
N GLY A 50 -7.76 10.87 12.78
CA GLY A 50 -6.80 10.27 11.87
C GLY A 50 -5.75 9.45 12.60
N ALA A 51 -5.76 9.50 13.92
CA ALA A 51 -4.90 8.66 14.73
C ALA A 51 -5.54 7.29 14.88
N SER A 52 -4.72 6.25 14.81
CA SER A 52 -5.15 4.91 15.16
C SER A 52 -5.30 4.80 16.67
N GLY A 53 -6.00 3.77 17.13
CA GLY A 53 -5.99 3.42 18.55
C GLY A 53 -4.55 3.27 19.04
N GLN A 54 -4.30 3.74 20.26
CA GLN A 54 -2.96 3.71 20.85
C GLN A 54 -2.83 2.87 22.12
N ALA A 55 -3.95 2.58 22.78
CA ALA A 55 -3.91 1.90 24.07
C ALA A 55 -3.23 0.54 23.98
N VAL A 56 -2.56 0.17 25.06
CA VAL A 56 -1.87 -1.12 25.17
C VAL A 56 -2.45 -1.86 26.38
N PRO A 57 -2.13 -3.15 26.55
CA PRO A 57 -2.79 -3.91 27.62
C PRO A 57 -2.68 -3.29 29.01
N SER A 58 -1.52 -2.75 29.38
CA SER A 58 -1.36 -2.15 30.70
C SER A 58 -2.32 -0.98 30.95
N ASP A 59 -2.89 -0.40 29.89
CA ASP A 59 -3.90 0.65 30.03
C ASP A 59 -5.28 0.15 30.45
N VAL A 60 -5.57 -1.12 30.22
CA VAL A 60 -6.94 -1.65 30.39
C VAL A 60 -7.07 -2.97 31.18
N ILE A 61 -5.95 -3.56 31.59
CA ILE A 61 -5.98 -4.74 32.47
C ILE A 61 -4.83 -4.65 33.47
N GLU A 62 -4.89 -5.46 34.51
CA GLU A 62 -3.75 -5.65 35.40
C GLU A 62 -2.74 -6.56 34.68
N THR A 63 -1.48 -6.14 34.65
CA THR A 63 -0.42 -6.86 33.93
C THR A 63 0.71 -7.23 34.88
N ARG A 64 1.36 -8.36 34.60
CA ARG A 64 2.63 -8.69 35.22
C ARG A 64 3.76 -8.03 34.41
N HIS A 65 4.95 -8.00 34.99
CA HIS A 65 6.13 -7.63 34.24
C HIS A 65 6.57 -8.83 33.39
N VAL A 66 6.74 -8.58 32.09
CA VAL A 66 7.32 -9.57 31.18
C VAL A 66 8.42 -8.88 30.39
N VAL A 67 9.64 -9.40 30.50
CA VAL A 67 10.75 -8.88 29.72
C VAL A 67 10.67 -9.47 28.33
N ASN A 68 10.61 -8.59 27.32
CA ASN A 68 10.54 -9.02 25.93
C ASN A 68 11.92 -8.95 25.28
N TYR A 69 12.48 -10.12 24.99
CA TYR A 69 13.78 -10.24 24.32
C TYR A 69 13.66 -10.40 22.81
N LYS A 70 12.43 -10.44 22.31
CA LYS A 70 12.17 -10.73 20.89
C LYS A 70 12.37 -9.45 20.06
N THR A 71 12.80 -9.62 18.81
CA THR A 71 13.08 -8.48 17.93
C THR A 71 12.30 -8.56 16.63
N ARG A 72 12.20 -7.42 15.97
CA ARG A 72 11.53 -7.31 14.67
C ARG A 72 12.52 -7.41 13.51
N SER A 73 13.57 -8.23 13.70
CA SER A 73 14.63 -8.37 12.71
C SER A 73 14.13 -8.81 11.34
N GLU A 74 13.18 -9.75 11.31
CA GLU A 74 12.80 -10.37 10.05
C GLU A 74 11.74 -9.59 9.29
N SER A 75 11.27 -8.48 9.85
CA SER A 75 10.32 -7.61 9.16
C SER A 75 10.90 -6.24 8.78
N THR A 76 12.22 -6.06 8.94
CA THR A 76 12.86 -4.90 8.31
C THR A 76 12.68 -5.02 6.81
N LEU A 77 12.75 -3.91 6.09
CA LEU A 77 12.58 -3.98 4.63
C LEU A 77 13.62 -4.88 3.97
N GLU A 78 14.87 -4.81 4.43
CA GLU A 78 15.92 -5.65 3.86
C GLU A 78 15.57 -7.13 4.04
N SER A 79 15.05 -7.49 5.22
CA SER A 79 14.65 -8.87 5.49
C SER A 79 13.43 -9.31 4.69
N PHE A 80 12.43 -8.44 4.60
CA PHE A 80 11.20 -8.72 3.85
C PHE A 80 11.48 -8.95 2.37
N PHE A 81 12.41 -8.18 1.81
CA PHE A 81 12.76 -8.26 0.38
C PHE A 81 13.99 -9.11 0.08
N GLY A 82 14.62 -9.68 1.12
CA GLY A 82 15.91 -10.37 0.97
C GLY A 82 15.81 -11.76 0.41
N ARG A 83 15.21 -11.88 -0.77
CA ARG A 83 15.00 -13.15 -1.44
C ARG A 83 15.10 -12.95 -2.94
N SER A 84 15.67 -13.93 -3.63
CA SER A 84 15.64 -13.97 -5.09
CA SER A 84 15.65 -13.96 -5.08
C SER A 84 14.32 -14.56 -5.53
N ALA A 85 13.55 -13.79 -6.29
CA ALA A 85 12.22 -14.21 -6.75
C ALA A 85 12.21 -14.34 -8.26
N CYS A 86 11.56 -15.38 -8.78
CA CYS A 86 11.45 -15.53 -10.23
C CYS A 86 10.50 -14.47 -10.78
N VAL A 87 10.96 -13.73 -11.78
CA VAL A 87 10.15 -12.68 -12.40
C VAL A 87 9.73 -12.98 -13.85
N THR A 88 10.39 -13.93 -14.51
CA THR A 88 9.94 -14.36 -15.84
C THR A 88 10.58 -15.67 -16.25
N ILE A 89 9.99 -16.29 -17.28
CA ILE A 89 10.54 -17.48 -17.91
C ILE A 89 10.67 -17.19 -19.40
N LEU A 90 11.89 -17.26 -19.92
CA LEU A 90 12.15 -17.05 -21.34
C LEU A 90 12.47 -18.38 -22.00
N GLU A 91 12.27 -18.45 -23.31
CA GLU A 91 12.59 -19.65 -24.08
C GLU A 91 13.48 -19.30 -25.26
N VAL A 92 14.46 -20.16 -25.51
CA VAL A 92 15.30 -20.05 -26.70
CA VAL A 92 15.30 -20.06 -26.71
C VAL A 92 15.60 -21.47 -27.19
N GLU A 93 15.90 -21.60 -28.47
CA GLU A 93 16.20 -22.90 -29.05
C GLU A 93 17.45 -22.83 -29.92
N ASN A 94 17.97 -24.01 -30.25
CA ASN A 94 19.10 -24.14 -31.15
C ASN A 94 18.82 -25.27 -32.11
N PHE A 95 18.55 -24.92 -33.37
CA PHE A 95 18.36 -25.92 -34.43
C PHE A 95 18.49 -25.25 -35.79
N ASN A 96 18.55 -26.06 -36.84
CA ASN A 96 18.67 -25.55 -38.20
C ASN A 96 17.36 -24.93 -38.66
N ALA A 97 17.28 -23.61 -38.59
CA ALA A 97 16.04 -22.88 -38.91
C ALA A 97 16.01 -22.49 -40.39
N THR A 98 14.94 -22.87 -41.07
CA THR A 98 14.76 -22.61 -42.50
C THR A 98 13.57 -21.70 -42.84
N THR A 99 12.87 -21.21 -41.80
CA THR A 99 11.78 -20.27 -41.97
C THR A 99 11.98 -19.08 -41.03
N ASP A 100 11.31 -17.97 -41.33
CA ASP A 100 11.41 -16.76 -40.50
CA ASP A 100 11.43 -16.77 -40.50
C ASP A 100 10.99 -17.05 -39.06
N ALA A 101 9.88 -17.79 -38.91
CA ALA A 101 9.37 -18.15 -37.59
C ALA A 101 10.41 -18.96 -36.79
N ASP A 102 11.04 -19.92 -37.43
CA ASP A 102 12.05 -20.75 -36.77
C ASP A 102 13.35 -19.99 -36.49
N ARG A 103 13.71 -19.06 -37.38
CA ARG A 103 14.87 -18.19 -37.15
C ARG A 103 14.66 -17.34 -35.89
N LYS A 104 13.43 -16.88 -35.68
CA LYS A 104 13.10 -16.08 -34.48
C LYS A 104 13.11 -16.90 -33.18
N LYS A 105 13.14 -18.22 -33.28
CA LYS A 105 13.26 -19.07 -32.10
C LYS A 105 14.72 -19.26 -31.63
N GLN A 106 15.67 -18.79 -32.43
CA GLN A 106 17.10 -18.95 -32.11
C GLN A 106 17.61 -17.90 -31.10
N PHE A 107 16.77 -16.91 -30.83
CA PHE A 107 17.09 -15.92 -29.80
C PHE A 107 15.77 -15.37 -29.29
N THR A 108 15.83 -14.66 -28.16
CA THR A 108 14.64 -14.01 -27.62
CA THR A 108 14.64 -14.04 -27.58
C THR A 108 15.00 -12.70 -26.97
N THR A 109 14.04 -11.79 -26.93
CA THR A 109 14.20 -10.49 -26.30
C THR A 109 13.04 -10.30 -25.34
N TRP A 110 13.33 -9.63 -24.22
CA TRP A 110 12.35 -9.43 -23.17
C TRP A 110 12.53 -8.06 -22.55
N ALA A 111 11.47 -7.26 -22.55
CA ALA A 111 11.49 -5.96 -21.87
C ALA A 111 11.53 -6.22 -20.37
N ILE A 112 12.57 -5.69 -19.72
CA ILE A 112 12.82 -5.99 -18.32
C ILE A 112 11.73 -5.37 -17.43
N THR A 113 11.14 -6.21 -16.58
CA THR A 113 10.01 -5.82 -15.76
C THR A 113 9.83 -6.84 -14.64
N TYR A 114 9.01 -6.50 -13.65
CA TYR A 114 8.63 -7.44 -12.60
C TYR A 114 7.15 -7.84 -12.68
N THR A 115 6.46 -7.43 -13.76
CA THR A 115 5.01 -7.65 -13.88
C THR A 115 4.59 -8.94 -14.62
N ASP A 116 5.54 -9.75 -15.08
CA ASP A 116 5.19 -11.05 -15.68
C ASP A 116 4.73 -12.03 -14.60
N THR A 117 5.21 -11.84 -13.38
CA THR A 117 4.81 -12.67 -12.24
C THR A 117 4.17 -11.81 -11.17
N VAL A 118 3.59 -12.45 -10.17
CA VAL A 118 2.76 -11.74 -9.19
C VAL A 118 3.37 -11.58 -7.79
N GLN A 119 4.27 -12.48 -7.38
CA GLN A 119 4.68 -12.54 -5.98
C GLN A 119 5.58 -11.38 -5.56
N LEU A 120 6.69 -11.17 -6.26
CA LEU A 120 7.56 -10.04 -5.93
C LEU A 120 6.81 -8.73 -6.17
N ARG A 121 6.09 -8.65 -7.28
CA ARG A 121 5.31 -7.46 -7.60
C ARG A 121 4.42 -7.04 -6.43
N ARG A 122 3.67 -7.98 -5.88
CA ARG A 122 2.74 -7.65 -4.80
C ARG A 122 3.48 -7.11 -3.58
N LYS A 123 4.64 -7.69 -3.27
CA LYS A 123 5.43 -7.23 -2.13
C LYS A 123 5.96 -5.81 -2.35
N LEU A 124 6.50 -5.53 -3.53
CA LEU A 124 6.96 -4.18 -3.87
C LEU A 124 5.81 -3.17 -3.77
N GLU A 125 4.62 -3.60 -4.18
CA GLU A 125 3.46 -2.70 -4.23
C GLU A 125 2.79 -2.43 -2.89
N PHE A 126 3.36 -2.94 -1.78
CA PHE A 126 3.06 -2.37 -0.47
C PHE A 126 3.55 -0.92 -0.38
N PHE A 127 4.37 -0.48 -1.33
CA PHE A 127 4.96 0.84 -1.31
C PHE A 127 4.77 1.60 -2.62
N THR A 128 4.74 2.91 -2.51
CA THR A 128 4.57 3.78 -3.68
C THR A 128 5.90 4.01 -4.39
N TYR A 129 6.96 4.21 -3.61
CA TYR A 129 8.29 4.50 -4.14
C TYR A 129 9.32 3.59 -3.48
N SER A 130 10.39 3.30 -4.21
CA SER A 130 11.47 2.49 -3.67
C SER A 130 12.80 2.88 -4.28
N ARG A 131 13.86 2.48 -3.59
CA ARG A 131 15.20 2.69 -4.08
C ARG A 131 16.01 1.49 -3.63
N PHE A 132 16.64 0.80 -4.59
CA PHE A 132 17.41 -0.39 -4.27
C PHE A 132 18.38 -0.73 -5.38
N ASP A 133 19.42 -1.47 -5.03
CA ASP A 133 20.25 -2.16 -6.00
C ASP A 133 19.59 -3.51 -6.26
N LEU A 134 20.00 -4.19 -7.32
CA LEU A 134 19.34 -5.41 -7.73
C LEU A 134 20.36 -6.51 -7.94
N GLU A 135 20.11 -7.68 -7.36
CA GLU A 135 20.86 -8.87 -7.70
C GLU A 135 20.01 -9.67 -8.69
N MET A 136 20.60 -9.94 -9.86
CA MET A 136 19.91 -10.77 -10.84
CA MET A 136 19.97 -10.74 -10.91
C MET A 136 20.63 -12.11 -10.95
N THR A 137 19.84 -13.18 -10.88
CA THR A 137 20.35 -14.55 -10.99
C THR A 137 19.53 -15.26 -12.06
N PHE A 138 20.13 -16.23 -12.75
CA PHE A 138 19.44 -16.94 -13.82
C PHE A 138 19.57 -18.45 -13.64
N VAL A 139 18.49 -19.17 -13.93
CA VAL A 139 18.51 -20.64 -13.94
C VAL A 139 18.18 -21.08 -15.35
N ILE A 140 19.10 -21.83 -15.94
CA ILE A 140 19.02 -22.23 -17.35
CA ILE A 140 18.98 -22.23 -17.35
C ILE A 140 18.89 -23.76 -17.44
N THR A 141 17.85 -24.22 -18.14
CA THR A 141 17.58 -25.65 -18.29
C THR A 141 17.33 -25.99 -19.76
N GLU A 142 17.62 -27.24 -20.11
CA GLU A 142 17.45 -27.75 -21.47
C GLU A 142 16.72 -29.08 -21.50
N ARG A 143 16.14 -29.38 -22.66
CA ARG A 143 15.72 -30.73 -22.99
C ARG A 143 15.88 -30.98 -24.48
N TYR A 144 16.03 -32.25 -24.85
CA TYR A 144 15.99 -32.66 -26.25
C TYR A 144 14.56 -32.53 -26.77
N TYR A 145 14.44 -31.99 -27.98
CA TYR A 145 13.16 -31.90 -28.68
C TYR A 145 12.69 -33.29 -29.17
N ALA A 146 13.64 -34.13 -29.56
CA ALA A 146 13.37 -35.49 -30.07
C ALA A 146 14.57 -36.43 -29.85
N SER A 147 14.38 -37.73 -30.07
CA SER A 147 15.45 -38.72 -29.78
C SER A 147 16.03 -39.45 -31.00
N ASN A 148 15.59 -39.10 -32.20
CA ASN A 148 16.04 -39.79 -33.42
C ASN A 148 16.97 -38.92 -34.29
N THR A 149 17.57 -37.91 -33.67
CA THR A 149 18.39 -36.93 -34.39
C THR A 149 19.76 -36.73 -33.72
N GLY A 150 20.29 -37.79 -33.11
CA GLY A 150 21.61 -37.74 -32.49
C GLY A 150 21.64 -36.89 -31.25
N HIS A 151 22.78 -36.26 -30.99
CA HIS A 151 23.00 -35.52 -29.75
C HIS A 151 23.49 -34.09 -30.01
N ALA A 152 23.85 -33.39 -28.95
CA ALA A 152 24.21 -31.98 -29.04
C ALA A 152 25.33 -31.68 -28.07
N ARG A 153 26.32 -30.92 -28.53
CA ARG A 153 27.45 -30.54 -27.68
C ARG A 153 26.99 -29.53 -26.65
N ASN A 154 27.74 -29.43 -25.55
CA ASN A 154 27.35 -28.54 -24.47
C ASN A 154 27.25 -27.09 -24.95
N GLN A 155 26.19 -26.41 -24.54
CA GLN A 155 25.86 -25.09 -25.08
C GLN A 155 26.30 -23.94 -24.18
N VAL A 156 26.74 -22.87 -24.84
CA VAL A 156 27.05 -21.61 -24.18
C VAL A 156 25.95 -20.62 -24.54
N TYR A 157 25.49 -19.88 -23.54
CA TYR A 157 24.43 -18.90 -23.68
C TYR A 157 25.01 -17.50 -23.55
N GLN A 158 24.46 -16.56 -24.30
CA GLN A 158 24.78 -15.14 -24.10
C GLN A 158 23.51 -14.44 -23.66
N LEU A 159 23.60 -13.75 -22.53
CA LEU A 159 22.52 -12.91 -22.03
C LEU A 159 23.04 -11.48 -22.09
N MET A 160 22.46 -10.69 -22.98
CA MET A 160 22.92 -9.32 -23.23
C MET A 160 21.89 -8.31 -22.74
N TYR A 161 22.32 -7.40 -21.88
CA TYR A 161 21.46 -6.30 -21.46
CA TYR A 161 21.48 -6.28 -21.44
C TYR A 161 21.58 -5.16 -22.46
N ILE A 162 20.44 -4.82 -23.07
CA ILE A 162 20.38 -3.77 -24.09
C ILE A 162 19.69 -2.55 -23.48
N PRO A 163 20.46 -1.52 -23.09
CA PRO A 163 19.81 -0.33 -22.56
C PRO A 163 18.99 0.38 -23.63
N PRO A 164 17.97 1.16 -23.22
CA PRO A 164 17.15 1.87 -24.19
C PRO A 164 17.98 2.67 -25.20
N GLY A 165 17.73 2.45 -26.49
CA GLY A 165 18.46 3.12 -27.56
C GLY A 165 19.45 2.23 -28.29
N ALA A 166 20.04 1.27 -27.58
CA ALA A 166 21.01 0.37 -28.21
C ALA A 166 20.28 -0.55 -29.21
N PRO A 167 20.97 -0.93 -30.29
CA PRO A 167 20.31 -1.73 -31.33
C PRO A 167 19.89 -3.12 -30.85
N ARG A 168 18.68 -3.52 -31.18
CA ARG A 168 18.18 -4.83 -30.79
C ARG A 168 18.43 -5.85 -31.90
N PRO A 169 18.78 -7.09 -31.53
CA PRO A 169 19.06 -8.10 -32.56
C PRO A 169 17.83 -8.46 -33.37
N THR A 170 18.03 -8.70 -34.66
CA THR A 170 16.98 -9.27 -35.52
C THR A 170 17.30 -10.70 -35.93
N ALA A 171 18.51 -11.17 -35.62
CA ALA A 171 18.91 -12.55 -35.84
C ALA A 171 19.86 -12.96 -34.72
N TRP A 172 19.94 -14.26 -34.46
CA TRP A 172 20.75 -14.78 -33.36
C TRP A 172 22.25 -14.56 -33.57
N ASP A 173 22.67 -14.31 -34.82
CA ASP A 173 24.08 -14.15 -35.15
C ASP A 173 24.39 -12.82 -35.85
N ASP A 174 23.56 -11.81 -35.62
CA ASP A 174 23.83 -10.49 -36.20
C ASP A 174 24.90 -9.74 -35.39
N TYR A 175 25.27 -8.56 -35.87
CA TYR A 175 26.38 -7.80 -35.30
C TYR A 175 26.17 -7.33 -33.85
N THR A 176 24.93 -7.23 -33.41
CA THR A 176 24.65 -6.65 -32.08
C THR A 176 25.28 -7.45 -30.95
N TRP A 177 25.43 -8.76 -31.16
CA TRP A 177 25.92 -9.64 -30.11
C TRP A 177 27.41 -9.46 -29.81
N GLN A 178 28.13 -8.71 -30.65
CA GLN A 178 29.53 -8.43 -30.34
C GLN A 178 29.65 -7.59 -29.06
N SER A 179 28.58 -6.88 -28.72
CA SER A 179 28.36 -6.32 -27.37
C SER A 179 29.57 -5.56 -26.83
N SER A 180 30.07 -4.59 -27.59
CA SER A 180 31.26 -3.84 -27.18
C SER A 180 31.02 -2.99 -25.94
N SER A 181 29.78 -2.57 -25.73
CA SER A 181 29.46 -1.60 -24.70
C SER A 181 28.34 -2.09 -23.76
N ASN A 182 27.30 -2.69 -24.33
CA ASN A 182 26.30 -3.40 -23.54
C ASN A 182 26.95 -4.46 -22.66
N PRO A 183 26.48 -4.63 -21.41
CA PRO A 183 26.97 -5.78 -20.65
C PRO A 183 26.36 -7.08 -21.15
N SER A 184 27.19 -8.10 -21.34
CA SER A 184 26.72 -9.45 -21.65
C SER A 184 27.31 -10.41 -20.64
N VAL A 185 26.58 -11.48 -20.35
CA VAL A 185 27.17 -12.59 -19.62
C VAL A 185 27.10 -13.84 -20.48
N PHE A 186 28.24 -14.52 -20.58
CA PHE A 186 28.34 -15.79 -21.27
C PHE A 186 28.31 -16.89 -20.21
N TYR A 187 27.32 -17.76 -20.35
CA TYR A 187 27.05 -18.81 -19.38
C TYR A 187 27.21 -20.17 -20.04
N THR A 188 27.94 -21.06 -19.40
CA THR A 188 28.18 -22.41 -19.92
C THR A 188 27.25 -23.40 -19.24
N TYR A 189 26.45 -24.12 -20.02
CA TYR A 189 25.44 -25.01 -19.47
C TYR A 189 26.04 -25.97 -18.46
N GLY A 190 25.37 -26.13 -17.32
CA GLY A 190 25.83 -27.00 -16.25
C GLY A 190 26.63 -26.29 -15.16
N SER A 191 27.09 -25.07 -15.45
CA SER A 191 27.82 -24.28 -14.47
C SER A 191 26.84 -23.66 -13.48
N ALA A 192 27.39 -23.12 -12.39
CA ALA A 192 26.57 -22.44 -11.39
C ALA A 192 25.69 -21.38 -12.04
N PRO A 193 24.44 -21.23 -11.56
CA PRO A 193 23.59 -20.15 -12.04
C PRO A 193 24.34 -18.81 -12.09
N PRO A 194 24.30 -18.13 -13.24
CA PRO A 194 25.03 -16.86 -13.35
C PRO A 194 24.34 -15.75 -12.57
N ARG A 195 25.11 -14.74 -12.19
CA ARG A 195 24.61 -13.70 -11.31
C ARG A 195 25.39 -12.40 -11.45
N MET A 196 24.68 -11.29 -11.41
CA MET A 196 25.30 -9.98 -11.39
C MET A 196 24.47 -8.99 -10.60
N SER A 197 25.12 -7.94 -10.12
CA SER A 197 24.45 -6.85 -9.43
C SER A 197 24.22 -5.69 -10.39
N ILE A 198 23.11 -4.99 -10.17
CA ILE A 198 22.75 -3.80 -10.94
C ILE A 198 22.54 -2.68 -9.93
N PRO A 199 23.13 -1.49 -10.17
CA PRO A 199 22.86 -0.38 -9.24
C PRO A 199 21.42 0.11 -9.33
N TYR A 200 21.05 0.99 -8.42
CA TYR A 200 19.84 1.78 -8.58
C TYR A 200 20.01 2.63 -9.85
N VAL A 201 19.21 2.36 -10.89
CA VAL A 201 19.39 2.99 -12.20
C VAL A 201 18.29 3.99 -12.58
N GLY A 202 17.40 4.29 -11.64
CA GLY A 202 16.29 5.19 -11.92
C GLY A 202 16.74 6.58 -12.33
N ILE A 203 15.99 7.20 -13.24
CA ILE A 203 16.27 8.58 -13.66
C ILE A 203 15.61 9.61 -12.76
N ALA A 204 14.74 9.14 -11.86
CA ALA A 204 14.24 9.95 -10.75
C ALA A 204 15.02 9.58 -9.49
N ASN A 205 14.68 10.21 -8.37
CA ASN A 205 15.42 9.98 -7.12
C ASN A 205 14.96 8.71 -6.40
N ALA A 206 13.85 8.14 -6.86
CA ALA A 206 13.41 6.80 -6.46
C ALA A 206 12.67 6.18 -7.64
N TYR A 207 12.50 4.87 -7.61
CA TYR A 207 11.58 4.20 -8.52
C TYR A 207 10.15 4.50 -8.10
N SER A 208 9.26 4.68 -9.07
CA SER A 208 7.84 4.78 -8.81
C SER A 208 7.17 3.46 -9.13
N HIS A 209 6.44 2.89 -8.17
CA HIS A 209 5.67 1.68 -8.40
C HIS A 209 4.29 2.02 -8.97
N PHE A 210 3.89 3.28 -8.80
CA PHE A 210 2.62 3.81 -9.28
C PHE A 210 2.88 5.22 -9.78
N TYR A 211 2.29 5.58 -10.92
CA TYR A 211 2.46 6.90 -11.51
C TYR A 211 1.10 7.37 -12.02
N ASP A 212 0.50 8.32 -11.33
CA ASP A 212 -0.84 8.79 -11.69
C ASP A 212 -0.73 9.90 -12.73
N GLY A 213 -0.41 9.52 -13.96
CA GLY A 213 -0.20 10.50 -15.00
C GLY A 213 0.13 9.92 -16.35
N PHE A 214 0.58 10.81 -17.22
CA PHE A 214 0.82 10.53 -18.63
C PHE A 214 2.22 10.97 -19.02
N ALA A 215 2.67 10.53 -20.19
CA ALA A 215 4.00 10.85 -20.70
C ALA A 215 4.06 12.21 -21.40
N ARG A 216 2.92 12.67 -21.92
CA ARG A 216 2.84 14.00 -22.53
C ARG A 216 1.47 14.61 -22.30
N VAL A 217 1.42 15.94 -22.40
CA VAL A 217 0.17 16.68 -22.29
C VAL A 217 -0.45 16.79 -23.68
N PRO A 218 -1.65 16.23 -23.87
CA PRO A 218 -2.33 16.45 -25.14
C PRO A 218 -2.91 17.86 -25.15
N LEU A 219 -2.70 18.59 -26.24
CA LEU A 219 -3.05 20.00 -26.30
C LEU A 219 -4.28 20.27 -27.16
N LYS A 220 -4.92 21.41 -26.89
CA LYS A 220 -6.15 21.82 -27.57
C LYS A 220 -6.00 21.78 -29.09
N ASP A 221 -6.96 21.11 -29.75
CA ASP A 221 -7.07 21.05 -31.21
C ASP A 221 -5.89 20.40 -31.96
N GLU A 222 -5.04 19.66 -31.26
CA GLU A 222 -3.95 18.94 -31.92
C GLU A 222 -4.53 17.74 -32.67
N THR A 223 -3.81 17.29 -33.70
CA THR A 223 -4.26 16.17 -34.54
C THR A 223 -3.77 14.80 -34.05
N VAL A 224 -2.95 14.80 -32.99
CA VAL A 224 -2.44 13.56 -32.40
C VAL A 224 -3.60 12.71 -31.86
N ASP A 225 -3.54 11.40 -32.09
CA ASP A 225 -4.57 10.47 -31.62
C ASP A 225 -4.72 10.50 -30.11
N SER A 226 -5.97 10.62 -29.64
CA SER A 226 -6.28 10.53 -28.20
C SER A 226 -7.15 9.32 -27.86
N GLY A 227 -7.48 8.50 -28.85
CA GLY A 227 -8.36 7.34 -28.67
C GLY A 227 -7.66 6.04 -28.30
N ASP A 228 -6.35 5.95 -28.55
CA ASP A 228 -5.61 4.71 -28.32
C ASP A 228 -4.39 4.92 -27.41
N THR A 229 -4.39 6.00 -26.64
CA THR A 229 -3.31 6.31 -25.73
C THR A 229 -3.52 5.63 -24.38
N TYR A 230 -2.42 5.42 -23.66
CA TYR A 230 -2.43 4.70 -22.39
C TYR A 230 -2.22 5.65 -21.20
N TYR A 231 -2.20 5.09 -20.00
CA TYR A 231 -2.21 5.84 -18.75
C TYR A 231 -1.29 5.16 -17.74
N GLY A 232 -0.57 5.98 -16.97
CA GLY A 232 0.21 5.46 -15.86
C GLY A 232 1.62 5.04 -16.22
N LEU A 233 2.19 4.22 -15.35
CA LEU A 233 3.60 3.85 -15.41
C LEU A 233 4.01 3.26 -16.76
N VAL A 234 3.11 2.54 -17.42
CA VAL A 234 3.40 1.95 -18.74
C VAL A 234 3.78 2.99 -19.79
N THR A 235 3.31 4.22 -19.63
CA THR A 235 3.61 5.29 -20.59
C THR A 235 5.01 5.91 -20.40
N ILE A 236 5.64 5.67 -19.25
CA ILE A 236 6.92 6.31 -18.93
C ILE A 236 8.08 5.37 -18.59
N ASN A 237 7.79 4.11 -18.24
CA ASN A 237 8.83 3.17 -17.81
C ASN A 237 9.56 2.53 -18.99
N ASP A 238 10.87 2.36 -18.83
CA ASP A 238 11.69 1.64 -19.80
C ASP A 238 13.00 1.25 -19.13
N PHE A 239 13.12 -0.02 -18.75
CA PHE A 239 14.34 -0.52 -18.13
C PHE A 239 15.20 -1.34 -19.11
N GLY A 240 14.96 -1.14 -20.41
CA GLY A 240 15.74 -1.82 -21.43
C GLY A 240 15.26 -3.24 -21.67
N THR A 241 16.12 -3.99 -22.37
CA THR A 241 15.75 -5.29 -22.91
C THR A 241 16.83 -6.31 -22.57
N LEU A 242 16.42 -7.52 -22.21
CA LEU A 242 17.34 -8.64 -22.10
C LEU A 242 17.23 -9.46 -23.38
N ALA A 243 18.35 -9.70 -24.04
CA ALA A 243 18.40 -10.53 -25.24
C ALA A 243 19.20 -11.79 -24.92
N VAL A 244 18.67 -12.94 -25.29
CA VAL A 244 19.32 -14.22 -25.00
C VAL A 244 19.45 -15.05 -26.28
N ARG A 245 20.61 -15.67 -26.44
CA ARG A 245 20.83 -16.63 -27.52
C ARG A 245 21.65 -17.81 -27.02
N VAL A 246 21.59 -18.91 -27.76
CA VAL A 246 22.60 -19.94 -27.68
C VAL A 246 23.69 -19.55 -28.68
N VAL A 247 24.92 -19.47 -28.20
CA VAL A 247 26.05 -19.03 -29.03
C VAL A 247 26.43 -20.10 -30.06
N ASN A 248 26.25 -21.37 -29.68
CA ASN A 248 26.58 -22.49 -30.58
C ASN A 248 25.74 -22.48 -31.85
N GLU A 249 26.33 -22.92 -32.94
CA GLU A 249 25.56 -23.24 -34.15
CA GLU A 249 25.58 -23.25 -34.15
C GLU A 249 24.77 -24.52 -33.91
N TYR A 250 23.86 -24.83 -34.83
CA TYR A 250 22.96 -25.98 -34.65
C TYR A 250 23.65 -27.35 -34.70
N ASN A 251 23.15 -28.25 -33.86
CA ASN A 251 23.44 -29.68 -33.95
C ASN A 251 22.31 -30.35 -34.72
N PRO A 252 22.52 -31.62 -35.12
CA PRO A 252 21.37 -32.35 -35.70
C PRO A 252 20.20 -32.47 -34.71
N ALA A 253 20.50 -32.59 -33.42
CA ALA A 253 19.47 -32.64 -32.38
C ALA A 253 19.05 -31.23 -31.96
N ARG A 254 17.77 -30.94 -32.12
CA ARG A 254 17.18 -29.68 -31.65
C ARG A 254 17.13 -29.64 -30.13
N ILE A 255 17.66 -28.57 -29.55
CA ILE A 255 17.62 -28.37 -28.10
C ILE A 255 16.76 -27.16 -27.79
N THR A 256 15.85 -27.32 -26.83
CA THR A 256 14.98 -26.24 -26.38
CA THR A 256 14.98 -26.24 -26.37
C THR A 256 15.37 -25.89 -24.94
N SER A 257 15.47 -24.60 -24.66
CA SER A 257 15.93 -24.12 -23.36
C SER A 257 14.95 -23.17 -22.71
N LYS A 258 14.94 -23.17 -21.38
CA LYS A 258 14.24 -22.16 -20.61
C LYS A 258 15.26 -21.39 -19.78
N ILE A 259 15.06 -20.08 -19.70
CA ILE A 259 15.87 -19.21 -18.85
C ILE A 259 14.93 -18.53 -17.87
N ARG A 260 15.07 -18.90 -16.59
CA ARG A 260 14.32 -18.28 -15.52
C ARG A 260 15.15 -17.13 -14.94
N VAL A 261 14.51 -15.96 -14.83
CA VAL A 261 15.16 -14.74 -14.38
C VAL A 261 14.71 -14.44 -12.96
N TYR A 262 15.67 -14.21 -12.06
CA TYR A 262 15.40 -13.95 -10.65
C TYR A 262 15.89 -12.57 -10.26
N MET A 263 15.11 -11.88 -9.44
CA MET A 263 15.47 -10.56 -8.92
C MET A 263 15.44 -10.56 -7.41
N LYS A 264 16.46 -9.96 -6.80
CA LYS A 264 16.46 -9.66 -5.37
C LYS A 264 16.80 -8.19 -5.16
N PRO A 265 15.84 -7.40 -4.65
CA PRO A 265 16.18 -6.04 -4.25
C PRO A 265 17.09 -6.08 -3.03
N LYS A 266 18.17 -5.32 -3.06
CA LYS A 266 19.01 -5.19 -1.88
C LYS A 266 19.41 -3.73 -1.65
N HIS A 267 19.81 -3.44 -0.42
CA HIS A 267 20.11 -2.07 0.01
C HIS A 267 18.86 -1.22 -0.19
N VAL A 268 17.76 -1.68 0.41
CA VAL A 268 16.42 -1.22 0.08
C VAL A 268 15.92 -0.08 0.97
N ARG A 269 15.33 0.93 0.33
CA ARG A 269 14.52 1.94 1.00
C ARG A 269 13.17 2.01 0.29
N CYS A 270 12.11 2.24 1.06
CA CYS A 270 10.76 2.40 0.50
C CYS A 270 9.99 3.50 1.21
N TRP A 271 9.04 4.08 0.48
CA TRP A 271 8.24 5.20 0.98
C TRP A 271 6.76 5.05 0.62
N CYS A 272 5.91 5.56 1.52
CA CYS A 272 4.47 5.75 1.27
C CYS A 272 3.73 4.43 1.11
N PRO A 273 3.38 3.82 2.25
CA PRO A 273 2.77 2.49 2.20
C PRO A 273 1.37 2.50 1.61
N ARG A 274 0.98 1.35 1.05
CA ARG A 274 -0.29 1.19 0.37
C ARG A 274 -0.96 -0.09 0.83
N PRO A 275 -2.30 -0.16 0.75
CA PRO A 275 -2.97 -1.45 0.90
C PRO A 275 -2.45 -2.42 -0.15
N PRO A 276 -2.27 -3.70 0.23
CA PRO A 276 -1.76 -4.65 -0.75
C PRO A 276 -2.84 -5.10 -1.74
N ARG A 277 -2.39 -5.62 -2.87
CA ARG A 277 -3.28 -6.12 -3.91
C ARG A 277 -4.23 -7.18 -3.35
N ALA A 278 -5.54 -6.95 -3.50
CA ALA A 278 -6.55 -7.83 -2.89
C ALA A 278 -7.20 -8.80 -3.88
N VAL A 279 -7.10 -8.49 -5.17
CA VAL A 279 -7.72 -9.30 -6.23
C VAL A 279 -6.70 -9.56 -7.33
N PRO A 280 -6.95 -10.57 -8.17
CA PRO A 280 -5.96 -10.87 -9.21
C PRO A 280 -5.61 -9.69 -10.13
N TYR A 281 -4.35 -9.65 -10.54
CA TYR A 281 -3.91 -8.74 -11.58
C TYR A 281 -4.43 -9.25 -12.92
N ARG A 282 -4.56 -8.36 -13.91
CA ARG A 282 -4.84 -8.82 -15.29
C ARG A 282 -3.91 -8.18 -16.34
N GLY A 283 -2.77 -7.68 -15.88
CA GLY A 283 -1.82 -7.00 -16.73
C GLY A 283 -0.91 -6.10 -15.92
N GLU A 284 -0.17 -5.24 -16.62
CA GLU A 284 0.83 -4.38 -16.00
C GLU A 284 0.25 -3.24 -15.14
N GLY A 285 -1.03 -2.95 -15.32
CA GLY A 285 -1.68 -1.85 -14.61
C GLY A 285 -2.37 -2.30 -13.34
N VAL A 286 -3.18 -1.42 -12.78
CA VAL A 286 -3.94 -1.72 -11.56
C VAL A 286 -5.34 -2.29 -11.86
N ASP A 287 -5.60 -2.53 -13.14
CA ASP A 287 -6.92 -2.98 -13.59
C ASP A 287 -7.30 -4.31 -12.96
N PHE A 288 -8.60 -4.54 -12.84
CA PHE A 288 -9.09 -5.80 -12.26
C PHE A 288 -10.06 -6.48 -13.22
N LYS A 289 -10.35 -7.75 -12.95
CA LYS A 289 -11.13 -8.58 -13.86
C LYS A 289 -12.50 -8.90 -13.26
N GLN A 290 -13.55 -8.73 -14.07
CA GLN A 290 -14.92 -8.80 -13.57
C GLN A 290 -15.27 -10.13 -12.89
N ASP A 291 -14.70 -11.22 -13.37
CA ASP A 291 -14.99 -12.53 -12.76
C ASP A 291 -14.15 -12.82 -11.50
N SER A 292 -13.31 -11.87 -11.09
CA SER A 292 -12.38 -12.08 -9.99
C SER A 292 -12.26 -10.83 -9.11
N ILE A 293 -13.39 -10.36 -8.59
CA ILE A 293 -13.40 -9.20 -7.68
C ILE A 293 -14.18 -9.47 -6.39
N THR A 294 -14.23 -10.74 -5.98
CA THR A 294 -14.92 -11.13 -4.75
C THR A 294 -13.99 -11.94 -3.85
N PRO A 295 -12.97 -11.27 -3.28
CA PRO A 295 -11.95 -11.96 -2.48
C PRO A 295 -12.47 -12.60 -1.20
N LEU A 296 -13.41 -11.96 -0.51
CA LEU A 296 -13.93 -12.49 0.74
C LEU A 296 -14.87 -13.66 0.52
N THR A 297 -14.77 -14.66 1.38
CA THR A 297 -15.75 -15.73 1.45
C THR A 297 -16.74 -15.32 2.54
N ALA A 298 -18.01 -15.28 2.19
CA ALA A 298 -19.04 -14.84 3.14
C ALA A 298 -19.09 -15.77 4.36
N VAL A 299 -19.24 -15.16 5.53
CA VAL A 299 -19.45 -15.94 6.76
C VAL A 299 -20.93 -16.24 6.94
N GLU A 300 -21.23 -17.31 7.65
CA GLU A 300 -22.62 -17.75 7.87
C GLU A 300 -23.44 -16.70 8.61
N ASN A 301 -22.80 -16.04 9.57
CA ASN A 301 -23.43 -15.06 10.43
CA ASN A 301 -23.41 -14.94 10.28
C ASN A 301 -22.36 -14.14 11.01
N ILE A 302 -22.74 -12.94 11.44
CA ILE A 302 -21.80 -12.03 12.09
C ILE A 302 -21.23 -12.60 13.39
N ASN A 303 -21.91 -13.61 13.96
CA ASN A 303 -21.47 -14.28 15.19
C ASN A 303 -20.76 -15.63 15.03
N THR A 304 -19.94 -15.75 13.99
CA THR A 304 -19.29 -17.03 13.68
C THR A 304 -17.86 -17.09 14.21
N PHE A 305 -17.63 -17.91 15.23
CA PHE A 305 -16.28 -18.18 15.72
C PHE A 305 -15.55 -19.12 14.77
N GLY B 8 -9.59 27.10 27.58
CA GLY B 8 -10.37 27.75 26.50
C GLY B 8 -10.12 27.14 25.13
N TYR B 9 -8.84 26.91 24.81
CA TYR B 9 -8.45 26.36 23.51
C TYR B 9 -8.85 24.89 23.41
N SER B 10 -9.17 24.45 22.20
CA SER B 10 -9.84 23.17 21.99
C SER B 10 -9.40 22.49 20.69
N ASP B 11 -9.37 21.16 20.73
CA ASP B 11 -9.12 20.33 19.55
C ASP B 11 -10.23 20.47 18.50
N ARG B 12 -11.36 21.01 18.92
CA ARG B 12 -12.52 21.15 18.05
C ARG B 12 -12.60 22.50 17.33
N VAL B 13 -11.86 23.50 17.79
CA VAL B 13 -12.00 24.86 17.26
C VAL B 13 -10.69 25.31 16.64
N ARG B 14 -10.74 25.69 15.36
CA ARG B 14 -9.53 26.00 14.60
C ARG B 14 -9.77 27.13 13.61
N GLN B 15 -8.72 27.93 13.39
CA GLN B 15 -8.70 28.92 12.32
C GLN B 15 -7.49 28.64 11.43
N ILE B 16 -7.70 28.70 10.12
CA ILE B 16 -6.60 28.57 9.17
C ILE B 16 -6.66 29.77 8.23
N THR B 17 -5.56 30.51 8.16
CA THR B 17 -5.45 31.65 7.25
C THR B 17 -4.31 31.40 6.27
N LEU B 18 -4.61 31.52 4.98
CA LEU B 18 -3.61 31.49 3.92
C LEU B 18 -3.96 32.57 2.91
N GLY B 19 -3.00 33.46 2.64
CA GLY B 19 -3.24 34.60 1.76
C GLY B 19 -4.37 35.47 2.27
N ASN B 20 -5.33 35.76 1.39
CA ASN B 20 -6.48 36.59 1.76
C ASN B 20 -7.70 35.78 2.23
N SER B 21 -7.47 34.51 2.59
CA SER B 21 -8.57 33.58 2.90
C SER B 21 -8.42 32.94 4.27
N THR B 22 -9.55 32.81 4.97
CA THR B 22 -9.57 32.21 6.30
C THR B 22 -10.72 31.21 6.41
N ILE B 23 -10.44 30.08 7.06
CA ILE B 23 -11.44 29.10 7.40
C ILE B 23 -11.55 29.04 8.93
N THR B 24 -12.78 28.93 9.42
CA THR B 24 -13.04 28.57 10.81
C THR B 24 -13.81 27.26 10.88
N THR B 25 -13.60 26.53 11.95
CA THR B 25 -14.44 25.38 12.29
C THR B 25 -14.57 25.33 13.80
N GLN B 26 -15.76 24.95 14.28
CA GLN B 26 -16.01 24.79 15.70
C GLN B 26 -16.25 23.33 16.10
N GLU B 27 -16.23 22.42 15.14
CA GLU B 27 -16.37 20.99 15.42
C GLU B 27 -15.38 20.19 14.57
N ALA B 28 -14.10 20.51 14.76
CA ALA B 28 -13.01 19.76 14.14
C ALA B 28 -12.62 18.57 15.01
N ALA B 29 -11.68 17.76 14.51
CA ALA B 29 -11.09 16.69 15.29
C ALA B 29 -9.58 16.70 15.05
N ASN B 30 -8.89 17.66 15.68
CA ASN B 30 -7.45 17.83 15.45
C ASN B 30 -7.25 18.13 13.95
N ALA B 31 -6.04 17.90 13.45
CA ALA B 31 -5.75 18.03 12.03
C ALA B 31 -4.64 17.06 11.72
N VAL B 32 -4.61 16.55 10.50
CA VAL B 32 -3.55 15.63 10.08
C VAL B 32 -2.49 16.38 9.30
N VAL B 33 -1.23 16.08 9.60
CA VAL B 33 -0.10 16.49 8.78
C VAL B 33 0.45 15.20 8.18
N ALA B 34 0.22 15.02 6.88
CA ALA B 34 0.53 13.74 6.23
C ALA B 34 1.98 13.34 6.43
N TYR B 35 2.17 12.10 6.89
CA TYR B 35 3.49 11.54 7.16
C TYR B 35 4.32 12.38 8.14
N GLY B 36 3.63 13.20 8.93
CA GLY B 36 4.26 14.07 9.91
C GLY B 36 5.10 15.20 9.35
N GLU B 37 4.92 15.53 8.07
CA GLU B 37 5.78 16.51 7.41
C GLU B 37 5.01 17.69 6.80
N TRP B 38 5.29 18.88 7.33
CA TRP B 38 4.73 20.11 6.79
C TRP B 38 5.37 20.39 5.43
N PRO B 39 4.60 20.97 4.48
CA PRO B 39 5.23 21.35 3.21
C PRO B 39 6.33 22.40 3.37
N SER B 40 7.19 22.49 2.38
CA SER B 40 8.30 23.44 2.39
C SER B 40 8.78 23.71 0.97
N TYR B 41 9.56 24.77 0.80
CA TYR B 41 10.19 25.05 -0.48
C TYR B 41 11.33 24.06 -0.75
N LEU B 42 11.75 24.02 -2.01
CA LEU B 42 12.78 23.08 -2.45
C LEU B 42 14.18 23.62 -2.14
N ASP B 43 14.93 22.87 -1.34
CA ASP B 43 16.28 23.26 -0.93
C ASP B 43 17.28 23.17 -2.09
N ASP B 44 18.29 24.02 -2.07
CA ASP B 44 19.35 24.02 -3.10
C ASP B 44 20.04 22.67 -3.24
N LYS B 45 20.17 21.93 -2.13
CA LYS B 45 20.83 20.63 -2.12
C LYS B 45 19.96 19.48 -2.65
N GLU B 46 18.70 19.77 -2.96
CA GLU B 46 17.80 18.80 -3.59
C GLU B 46 17.22 19.31 -4.89
N ALA B 47 17.72 20.45 -5.38
CA ALA B 47 17.12 21.11 -6.55
C ALA B 47 17.51 20.40 -7.84
N ASN B 48 16.77 20.69 -8.91
CA ASN B 48 17.02 20.06 -10.20
C ASN B 48 17.01 21.09 -11.35
N PRO B 49 15.83 21.58 -11.80
CA PRO B 49 15.93 22.64 -12.82
C PRO B 49 16.66 23.88 -12.26
N ILE B 50 17.45 24.52 -13.11
CA ILE B 50 18.39 25.55 -12.63
C ILE B 50 17.94 26.99 -12.83
N ASP B 51 16.85 27.20 -13.58
CA ASP B 51 16.30 28.55 -13.72
C ASP B 51 15.74 29.04 -12.37
N ALA B 52 15.84 30.34 -12.13
CA ALA B 52 15.26 30.92 -10.93
C ALA B 52 13.75 30.64 -10.94
N PRO B 53 13.24 29.99 -9.89
CA PRO B 53 11.81 29.64 -9.91
C PRO B 53 10.90 30.82 -9.60
N THR B 54 9.65 30.70 -10.05
CA THR B 54 8.57 31.57 -9.64
C THR B 54 7.96 30.99 -8.37
N GLU B 55 7.80 31.82 -7.35
CA GLU B 55 7.16 31.44 -6.09
C GLU B 55 6.01 32.43 -5.87
N PRO B 56 4.81 32.09 -6.36
CA PRO B 56 3.74 33.10 -6.40
C PRO B 56 3.16 33.50 -5.05
N ASP B 57 3.43 32.72 -4.01
CA ASP B 57 3.08 33.09 -2.64
C ASP B 57 1.57 33.40 -2.54
N VAL B 58 1.19 34.55 -2.01
CA VAL B 58 -0.22 34.78 -1.65
C VAL B 58 -1.19 34.78 -2.84
N SER B 59 -0.71 35.07 -4.05
CA SER B 59 -1.61 35.07 -5.21
C SER B 59 -2.24 33.69 -5.45
N SER B 60 -1.50 32.65 -5.11
CA SER B 60 -1.88 31.27 -5.44
C SER B 60 -2.01 30.34 -4.22
N ASN B 61 -1.40 30.72 -3.10
CA ASN B 61 -1.34 29.87 -1.91
C ASN B 61 -2.42 30.34 -0.95
N ARG B 62 -3.64 29.91 -1.26
CA ARG B 62 -4.85 30.45 -0.66
C ARG B 62 -5.96 29.44 -0.88
N PHE B 63 -7.04 29.56 -0.11
CA PHE B 63 -8.14 28.60 -0.20
C PHE B 63 -9.05 28.81 -1.41
N TYR B 64 -9.18 27.77 -2.21
CA TYR B 64 -10.12 27.73 -3.32
C TYR B 64 -11.21 26.71 -3.00
N THR B 65 -12.47 27.14 -3.11
CA THR B 65 -13.61 26.28 -2.80
C THR B 65 -14.21 25.72 -4.09
N LEU B 66 -14.25 24.39 -4.16
CA LEU B 66 -14.78 23.68 -5.31
C LEU B 66 -16.30 23.70 -5.27
N ASP B 67 -16.93 23.37 -6.39
CA ASP B 67 -18.38 23.12 -6.40
C ASP B 67 -18.72 22.05 -5.36
N SER B 68 -19.80 22.25 -4.62
CA SER B 68 -20.22 21.29 -3.61
C SER B 68 -20.87 20.06 -4.24
N VAL B 69 -20.80 18.93 -3.52
CA VAL B 69 -21.51 17.72 -3.92
C VAL B 69 -22.54 17.38 -2.84
N GLN B 70 -23.51 16.54 -3.19
CA GLN B 70 -24.59 16.19 -2.26
C GLN B 70 -24.43 14.76 -1.77
N TRP B 71 -24.37 14.61 -0.45
CA TRP B 71 -24.34 13.32 0.20
C TRP B 71 -25.77 12.85 0.39
N LYS B 72 -26.09 11.70 -0.19
CA LYS B 72 -27.39 11.05 -0.07
C LYS B 72 -27.19 9.67 0.55
N SER B 73 -28.28 9.07 1.04
CA SER B 73 -28.20 7.71 1.60
C SER B 73 -27.69 6.68 0.60
N THR B 74 -27.78 6.98 -0.70
CA THR B 74 -27.34 6.11 -1.77
C THR B 74 -25.97 6.43 -2.38
N SER B 75 -25.33 7.52 -1.94
CA SER B 75 -24.02 7.93 -2.46
C SER B 75 -22.98 6.87 -2.19
N ARG B 76 -22.11 6.60 -3.17
CA ARG B 76 -21.03 5.63 -2.98
C ARG B 76 -19.66 6.28 -2.76
N GLY B 77 -19.56 7.59 -3.00
CA GLY B 77 -18.31 8.31 -2.73
C GLY B 77 -17.85 9.20 -3.87
N TRP B 78 -16.79 9.95 -3.59
CA TRP B 78 -16.27 10.97 -4.49
C TRP B 78 -14.75 10.92 -4.54
N TRP B 79 -14.18 11.31 -5.67
CA TRP B 79 -12.74 11.45 -5.80
C TRP B 79 -12.36 12.69 -6.59
N TRP B 80 -11.20 13.22 -6.26
CA TRP B 80 -10.54 14.29 -7.01
C TRP B 80 -9.06 13.95 -7.09
N LYS B 81 -8.36 14.60 -8.03
CA LYS B 81 -6.91 14.50 -8.10
C LYS B 81 -6.31 15.88 -7.94
N LEU B 82 -5.08 15.92 -7.43
CA LEU B 82 -4.37 17.17 -7.26
C LEU B 82 -2.99 17.25 -7.89
N PRO B 83 -2.86 18.12 -8.90
CA PRO B 83 -3.25 19.52 -8.76
C PRO B 83 -4.47 19.71 -9.72
N ASP B 84 -4.91 18.63 -10.39
CA ASP B 84 -5.99 18.68 -11.39
C ASP B 84 -7.22 19.47 -10.92
N ALA B 85 -7.67 19.20 -9.70
CA ALA B 85 -8.88 19.83 -9.18
C ALA B 85 -8.79 21.36 -9.10
N LEU B 86 -7.56 21.88 -9.02
CA LEU B 86 -7.31 23.31 -8.89
C LEU B 86 -6.77 23.97 -10.17
N LYS B 87 -6.77 23.24 -11.28
CA LYS B 87 -6.13 23.72 -12.51
C LYS B 87 -6.76 24.98 -13.09
N ASP B 88 -8.03 25.22 -12.77
CA ASP B 88 -8.79 26.39 -13.25
CA ASP B 88 -8.75 26.40 -13.26
C ASP B 88 -9.01 27.42 -12.13
N MET B 89 -8.19 27.34 -11.07
CA MET B 89 -8.37 28.20 -9.90
C MET B 89 -7.42 29.39 -9.88
N GLY B 90 -7.97 30.56 -10.23
CA GLY B 90 -7.28 31.83 -10.10
C GLY B 90 -5.85 31.82 -10.59
N MET B 91 -4.97 32.44 -9.81
CA MET B 91 -3.57 32.57 -10.22
CA MET B 91 -3.56 32.57 -10.19
C MET B 91 -2.79 31.26 -10.05
N PHE B 92 -3.27 30.34 -9.22
CA PHE B 92 -2.61 29.04 -9.13
C PHE B 92 -2.65 28.36 -10.50
N GLY B 93 -3.83 28.32 -11.11
CA GLY B 93 -4.01 27.73 -12.43
C GLY B 93 -3.14 28.39 -13.49
N GLN B 94 -3.05 29.71 -13.45
CA GLN B 94 -2.23 30.43 -14.42
C GLN B 94 -0.76 30.08 -14.27
N ASN B 95 -0.25 30.13 -13.03
CA ASN B 95 1.14 29.74 -12.79
C ASN B 95 1.40 28.29 -13.18
N MET B 96 0.46 27.40 -12.88
CA MET B 96 0.59 26.00 -13.25
C MET B 96 0.78 25.84 -14.76
N TYR B 97 -0.07 26.49 -15.55
CA TYR B 97 -0.07 26.25 -16.99
C TYR B 97 0.99 27.05 -17.77
N TYR B 98 1.46 28.16 -17.21
CA TYR B 98 2.53 28.93 -17.86
C TYR B 98 3.93 28.29 -17.69
N HIS B 99 4.03 27.31 -16.80
CA HIS B 99 5.31 26.64 -16.53
C HIS B 99 5.27 25.16 -16.85
N TYR B 100 6.40 24.66 -17.33
CA TYR B 100 6.62 23.23 -17.56
C TYR B 100 6.59 22.44 -16.25
N LEU B 101 7.15 23.02 -15.18
CA LEU B 101 7.32 22.31 -13.91
C LEU B 101 6.68 23.06 -12.74
N GLY B 102 6.16 22.31 -11.79
CA GLY B 102 5.60 22.87 -10.58
C GLY B 102 5.59 21.88 -9.43
N ARG B 103 5.65 22.40 -8.21
CA ARG B 103 5.43 21.59 -7.03
C ARG B 103 4.60 22.37 -6.04
N SER B 104 3.87 21.66 -5.20
CA SER B 104 2.95 22.26 -4.26
C SER B 104 2.62 21.28 -3.15
N GLY B 105 2.50 21.81 -1.92
CA GLY B 105 1.79 21.13 -0.84
C GLY B 105 0.36 21.66 -0.81
N TYR B 106 -0.44 21.19 0.15
CA TYR B 106 -1.84 21.62 0.24
C TYR B 106 -2.36 21.59 1.66
N THR B 107 -3.27 22.51 1.96
CA THR B 107 -4.20 22.30 3.07
C THR B 107 -5.55 21.94 2.47
N VAL B 108 -6.03 20.74 2.79
CA VAL B 108 -7.33 20.26 2.36
C VAL B 108 -8.30 20.37 3.52
N HIS B 109 -9.41 21.07 3.30
CA HIS B 109 -10.43 21.23 4.33
C HIS B 109 -11.78 20.77 3.77
N VAL B 110 -12.25 19.63 4.28
CA VAL B 110 -13.52 19.05 3.85
C VAL B 110 -14.58 19.41 4.88
N GLN B 111 -15.73 19.89 4.39
CA GLN B 111 -16.77 20.47 5.22
C GLN B 111 -18.08 19.73 5.04
N CYS B 112 -18.67 19.29 6.14
CA CYS B 112 -19.96 18.62 6.10
C CYS B 112 -20.62 18.67 7.48
N ASN B 113 -21.58 19.58 7.62
CA ASN B 113 -22.36 19.69 8.85
C ASN B 113 -23.76 19.10 8.67
N ALA B 114 -24.38 18.75 9.78
CA ALA B 114 -25.71 18.16 9.75
C ALA B 114 -26.49 18.59 11.00
N SER B 115 -26.88 17.64 11.83
CA SER B 115 -27.50 17.97 13.12
C SER B 115 -27.19 16.85 14.09
N LYS B 116 -27.53 17.08 15.35
CA LYS B 116 -27.36 16.08 16.39
C LYS B 116 -28.29 14.88 16.22
N PHE B 117 -29.21 14.95 15.26
CA PHE B 117 -30.14 13.86 14.96
C PHE B 117 -29.81 13.11 13.66
N HIS B 118 -28.87 13.62 12.87
CA HIS B 118 -28.39 12.90 11.68
C HIS B 118 -27.29 11.93 12.11
N GLN B 119 -27.01 10.94 11.26
CA GLN B 119 -25.86 10.06 11.47
C GLN B 119 -25.23 9.70 10.14
N GLY B 120 -23.95 9.34 10.20
CA GLY B 120 -23.19 8.96 9.02
C GLY B 120 -21.72 9.24 9.24
N ALA B 121 -20.88 8.57 8.47
CA ALA B 121 -19.43 8.77 8.59
C ALA B 121 -18.76 8.74 7.23
N LEU B 122 -17.94 9.76 6.97
CA LEU B 122 -17.14 9.87 5.75
C LEU B 122 -15.68 9.62 6.07
N GLY B 123 -15.06 8.71 5.33
CA GLY B 123 -13.60 8.57 5.35
C GLY B 123 -13.02 9.54 4.34
N VAL B 124 -12.05 10.35 4.77
CA VAL B 124 -11.40 11.33 3.91
C VAL B 124 -9.92 10.96 3.81
N PHE B 125 -9.49 10.53 2.63
CA PHE B 125 -8.15 9.98 2.43
C PHE B 125 -7.36 10.77 1.40
N ALA B 126 -6.09 11.01 1.70
CA ALA B 126 -5.15 11.59 0.75
C ALA B 126 -4.18 10.50 0.31
N ILE B 127 -4.20 10.19 -0.99
CA ILE B 127 -3.52 9.01 -1.52
C ILE B 127 -2.43 9.44 -2.51
N PRO B 128 -1.15 9.17 -2.19
CA PRO B 128 -0.12 9.47 -3.18
C PRO B 128 -0.24 8.56 -4.40
N GLU B 129 -0.03 9.11 -5.59
CA GLU B 129 -0.09 8.33 -6.84
C GLU B 129 -1.35 7.47 -6.91
N TYR B 130 -2.50 8.13 -6.90
CA TYR B 130 -3.77 7.41 -6.88
C TYR B 130 -4.16 6.93 -8.27
N VAL B 131 -3.53 5.83 -8.68
CA VAL B 131 -3.76 5.22 -9.98
C VAL B 131 -5.01 4.36 -9.90
N MET B 132 -5.95 4.56 -10.82
CA MET B 132 -7.19 3.79 -10.81
CA MET B 132 -7.22 3.83 -10.83
C MET B 132 -7.36 2.92 -12.06
N ALA B 133 -8.17 1.88 -11.92
CA ALA B 133 -8.43 0.90 -12.97
C ALA B 133 -9.23 1.51 -14.12
N CYS B 134 -9.02 0.99 -15.32
CA CYS B 134 -9.81 1.42 -16.48
C CYS B 134 -11.07 0.54 -16.62
N ASN B 135 -11.96 0.92 -17.54
CA ASN B 135 -13.26 0.28 -17.65
C ASN B 135 -13.47 -0.53 -18.93
N THR B 136 -12.39 -1.10 -19.44
CA THR B 136 -12.48 -2.07 -20.54
C THR B 136 -11.51 -3.22 -20.28
N GLU B 137 -11.96 -4.44 -20.53
CA GLU B 137 -11.09 -5.60 -20.37
C GLU B 137 -10.44 -6.05 -21.68
N ALA B 138 -10.63 -5.26 -22.74
CA ALA B 138 -9.95 -5.47 -24.00
C ALA B 138 -8.54 -4.87 -23.99
N LYS B 139 -8.27 -3.97 -23.04
CA LYS B 139 -6.99 -3.30 -22.91
C LYS B 139 -6.63 -3.18 -21.44
N THR B 140 -5.38 -2.80 -21.17
CA THR B 140 -4.95 -2.45 -19.81
C THR B 140 -4.51 -0.99 -19.78
N SER B 141 -4.62 -0.37 -18.61
CA SER B 141 -4.14 1.02 -18.41
C SER B 141 -4.65 1.97 -19.50
N TYR B 142 -5.93 1.82 -19.84
CA TYR B 142 -6.51 2.44 -21.03
C TYR B 142 -7.52 3.51 -20.61
N VAL B 143 -7.00 4.67 -20.24
CA VAL B 143 -7.82 5.78 -19.76
C VAL B 143 -7.43 7.04 -20.51
N SER B 144 -8.43 7.80 -20.95
CA SER B 144 -8.16 9.03 -21.67
C SER B 144 -7.73 10.14 -20.71
N TYR B 145 -6.93 11.07 -21.23
CA TYR B 145 -6.50 12.23 -20.45
C TYR B 145 -7.69 13.01 -19.90
N VAL B 146 -8.69 13.22 -20.74
CA VAL B 146 -9.87 13.98 -20.34
C VAL B 146 -10.62 13.32 -19.18
N ASN B 147 -10.78 12.01 -19.22
CA ASN B 147 -11.48 11.30 -18.15
C ASN B 147 -10.66 11.18 -16.87
N ALA B 148 -9.34 11.13 -17.00
CA ALA B 148 -8.44 11.09 -15.85
C ALA B 148 -8.36 12.44 -15.13
N ASN B 149 -8.64 13.52 -15.85
CA ASN B 149 -8.48 14.88 -15.35
C ASN B 149 -9.77 15.69 -15.43
N PRO B 150 -10.76 15.33 -14.58
CA PRO B 150 -12.06 16.00 -14.64
C PRO B 150 -12.07 17.42 -14.08
N GLY B 151 -11.04 17.81 -13.35
CA GLY B 151 -11.00 19.13 -12.73
C GLY B 151 -11.80 19.17 -11.44
N GLU B 152 -12.36 20.34 -11.13
CA GLU B 152 -13.02 20.54 -9.84
C GLU B 152 -14.26 19.68 -9.63
N LYS B 153 -14.89 19.23 -10.71
CA LYS B 153 -16.07 18.35 -10.58
C LYS B 153 -15.70 16.98 -10.02
N GLY B 154 -14.44 16.57 -10.18
CA GLY B 154 -13.99 15.27 -9.72
C GLY B 154 -14.78 14.15 -10.35
N GLY B 155 -14.91 13.05 -9.62
CA GLY B 155 -15.71 11.91 -10.07
C GLY B 155 -16.41 11.25 -8.90
N VAL B 156 -17.16 10.20 -9.20
CA VAL B 156 -17.87 9.45 -8.17
C VAL B 156 -17.50 7.98 -8.23
N PHE B 157 -17.64 7.30 -7.10
CA PHE B 157 -17.49 5.86 -7.05
C PHE B 157 -18.82 5.19 -7.37
N ASP B 158 -18.76 3.91 -7.72
CA ASP B 158 -19.93 3.09 -7.98
C ASP B 158 -19.77 1.81 -7.17
N ASN B 159 -20.87 1.12 -6.90
CA ASN B 159 -20.80 -0.18 -6.23
C ASN B 159 -20.90 -1.36 -7.21
N ALA B 160 -20.85 -1.06 -8.50
CA ALA B 160 -20.89 -2.08 -9.54
C ALA B 160 -19.77 -1.83 -10.55
N TYR B 161 -19.26 -2.91 -11.11
CA TYR B 161 -18.24 -2.86 -12.16
C TYR B 161 -18.86 -3.44 -13.43
N ASN B 162 -18.98 -2.59 -14.44
CA ASN B 162 -19.57 -2.97 -15.72
C ASN B 162 -18.66 -2.50 -16.85
N PRO B 163 -17.62 -3.28 -17.16
CA PRO B 163 -16.68 -2.86 -18.20
C PRO B 163 -17.33 -2.85 -19.58
N SER B 164 -16.80 -2.00 -20.46
CA SER B 164 -17.44 -1.73 -21.74
C SER B 164 -17.36 -2.90 -22.72
N ALA B 165 -18.32 -2.95 -23.65
CA ALA B 165 -18.32 -3.96 -24.71
C ALA B 165 -17.21 -3.69 -25.74
N GLU B 166 -16.93 -2.41 -25.99
CA GLU B 166 -15.89 -2.00 -26.93
C GLU B 166 -14.84 -1.15 -26.20
N ALA B 167 -13.57 -1.34 -26.55
CA ALA B 167 -12.45 -0.66 -25.89
C ALA B 167 -12.58 0.86 -25.91
N SER B 168 -13.05 1.41 -27.03
CA SER B 168 -13.20 2.85 -27.20
C SER B 168 -14.19 3.49 -26.21
N GLU B 169 -15.11 2.69 -25.67
CA GLU B 169 -16.13 3.19 -24.75
C GLU B 169 -15.78 3.01 -23.27
N GLY B 170 -14.63 2.40 -22.98
CA GLY B 170 -14.24 2.09 -21.60
C GLY B 170 -13.00 2.84 -21.13
N ARG B 171 -12.71 3.98 -21.75
CA ARG B 171 -11.50 4.75 -21.46
C ARG B 171 -11.69 5.73 -20.30
N LYS B 172 -12.29 5.22 -19.24
CA LYS B 172 -12.56 5.98 -18.04
C LYS B 172 -12.24 5.07 -16.86
N PHE B 173 -12.22 5.63 -15.66
CA PHE B 173 -11.94 4.84 -14.46
C PHE B 173 -13.11 3.95 -14.08
N ALA B 174 -12.78 2.73 -13.67
CA ALA B 174 -13.73 1.84 -12.99
C ALA B 174 -13.58 2.10 -11.50
N ALA B 175 -14.27 3.13 -11.03
CA ALA B 175 -14.14 3.59 -9.64
C ALA B 175 -15.03 2.75 -8.72
N LEU B 176 -14.64 1.50 -8.54
CA LEU B 176 -15.41 0.55 -7.74
C LEU B 176 -15.09 0.76 -6.26
N ASP B 177 -16.10 1.15 -5.49
CA ASP B 177 -15.89 1.62 -4.11
C ASP B 177 -15.09 0.68 -3.21
N TYR B 178 -15.52 -0.57 -3.09
CA TYR B 178 -14.92 -1.48 -2.11
C TYR B 178 -13.51 -1.94 -2.51
N LEU B 179 -13.14 -1.76 -3.77
CA LEU B 179 -11.76 -1.98 -4.22
C LEU B 179 -10.98 -0.67 -4.39
N LEU B 180 -11.52 0.42 -3.84
CA LEU B 180 -10.88 1.74 -3.90
C LEU B 180 -10.53 2.15 -5.33
N GLY B 181 -11.31 1.65 -6.30
CA GLY B 181 -11.03 1.89 -7.72
C GLY B 181 -9.69 1.40 -8.25
N CYS B 182 -9.01 0.53 -7.50
CA CYS B 182 -7.64 0.13 -7.88
C CYS B 182 -7.19 -1.26 -7.42
N GLY B 183 -8.12 -2.13 -7.06
CA GLY B 183 -7.81 -3.53 -6.76
C GLY B 183 -7.28 -3.83 -5.37
N VAL B 184 -7.54 -2.93 -4.41
CA VAL B 184 -7.18 -3.14 -3.01
C VAL B 184 -8.42 -2.93 -2.17
N LEU B 185 -8.49 -3.53 -0.98
CA LEU B 185 -9.70 -3.42 -0.19
C LEU B 185 -9.78 -2.07 0.53
N ALA B 186 -10.94 -1.42 0.41
CA ALA B 186 -11.14 -0.07 0.93
C ALA B 186 -10.94 0.04 2.44
N GLY B 187 -11.19 -1.05 3.17
CA GLY B 187 -10.97 -1.09 4.62
C GLY B 187 -9.53 -0.82 5.02
N ASN B 188 -8.60 -0.98 4.08
CA ASN B 188 -7.19 -0.72 4.32
C ASN B 188 -6.72 0.66 3.90
N ALA B 189 -7.64 1.50 3.44
CA ALA B 189 -7.29 2.86 3.00
C ALA B 189 -6.72 3.73 4.13
N PHE B 190 -6.91 3.28 5.37
CA PHE B 190 -6.45 4.02 6.55
C PHE B 190 -4.93 4.04 6.68
N VAL B 191 -4.22 3.24 5.89
CA VAL B 191 -2.76 3.36 5.79
C VAL B 191 -2.35 4.67 5.11
N TYR B 192 -3.28 5.31 4.41
CA TYR B 192 -3.07 6.64 3.85
C TYR B 192 -3.47 7.72 4.86
N PRO B 193 -2.82 8.89 4.79
CA PRO B 193 -3.22 10.01 5.64
C PRO B 193 -4.72 10.26 5.53
N HIS B 194 -5.40 10.40 6.65
CA HIS B 194 -6.85 10.47 6.62
C HIS B 194 -7.43 11.10 7.89
N GLN B 195 -8.69 11.54 7.77
CA GLN B 195 -9.53 11.78 8.92
C GLN B 195 -10.90 11.18 8.61
N ILE B 196 -11.76 11.13 9.62
CA ILE B 196 -13.15 10.72 9.42
C ILE B 196 -14.04 11.86 9.87
N ILE B 197 -15.04 12.17 9.06
CA ILE B 197 -16.13 13.06 9.48
C ILE B 197 -17.28 12.17 9.91
N ASN B 198 -17.43 12.03 11.22
CA ASN B 198 -18.49 11.25 11.84
C ASN B 198 -19.45 12.29 12.38
N LEU B 199 -20.68 12.33 11.84
CA LEU B 199 -21.55 13.48 12.07
C LEU B 199 -21.84 13.76 13.54
N ARG B 200 -21.88 12.73 14.39
CA ARG B 200 -22.09 12.95 15.83
C ARG B 200 -20.92 13.65 16.52
N THR B 201 -19.73 13.60 15.90
CA THR B 201 -18.50 14.11 16.50
C THR B 201 -17.98 15.40 15.88
N ASN B 202 -17.90 15.43 14.55
CA ASN B 202 -17.24 16.54 13.85
C ASN B 202 -17.91 16.88 12.54
N ASN B 203 -17.66 18.10 12.07
CA ASN B 203 -18.25 18.59 10.82
C ASN B 203 -17.20 18.96 9.77
N SER B 204 -15.94 18.62 10.03
CA SER B 204 -14.88 18.95 9.10
C SER B 204 -13.67 18.04 9.27
N ALA B 205 -12.90 17.93 8.20
CA ALA B 205 -11.63 17.24 8.21
C ALA B 205 -10.59 18.18 7.64
N THR B 206 -9.39 18.19 8.23
CA THR B 206 -8.30 19.02 7.77
C THR B 206 -7.05 18.16 7.60
N LEU B 207 -6.50 18.16 6.38
CA LEU B 207 -5.27 17.45 6.09
CA LEU B 207 -5.28 17.44 6.05
C LEU B 207 -4.28 18.40 5.45
N VAL B 208 -3.08 18.47 6.03
CA VAL B 208 -1.99 19.26 5.48
C VAL B 208 -1.03 18.30 4.80
N LEU B 209 -0.77 18.54 3.52
CA LEU B 209 -0.02 17.61 2.68
C LEU B 209 1.28 18.24 2.19
N PRO B 210 2.42 17.56 2.42
CA PRO B 210 3.64 17.99 1.77
C PRO B 210 3.62 17.55 0.30
N TYR B 211 4.51 18.12 -0.51
CA TYR B 211 4.72 17.59 -1.85
C TYR B 211 5.25 16.16 -1.69
N VAL B 212 4.67 15.23 -2.45
CA VAL B 212 5.11 13.84 -2.44
C VAL B 212 5.29 13.39 -3.89
N ASN B 213 6.49 12.89 -4.18
CA ASN B 213 6.85 12.42 -5.52
C ASN B 213 8.22 11.75 -5.40
N SER B 214 8.63 11.04 -6.46
CA SER B 214 9.98 10.49 -6.54
C SER B 214 10.97 11.50 -7.16
N LEU B 215 10.50 12.72 -7.39
CA LEU B 215 11.28 13.82 -7.96
C LEU B 215 11.06 15.07 -7.12
N ALA B 216 12.01 16.00 -7.19
CA ALA B 216 11.89 17.29 -6.54
C ALA B 216 10.76 18.14 -7.12
N ILE B 217 10.56 18.04 -8.44
CA ILE B 217 9.57 18.86 -9.12
C ILE B 217 9.18 18.16 -10.42
N ASP B 218 7.97 18.39 -10.91
CA ASP B 218 7.43 17.56 -12.00
C ASP B 218 6.41 18.35 -12.83
N CYS B 219 5.91 17.72 -13.88
CA CYS B 219 4.96 18.36 -14.78
CA CYS B 219 4.95 18.33 -14.80
C CYS B 219 3.54 18.19 -14.27
N MET B 220 3.01 19.26 -13.68
CA MET B 220 1.67 19.25 -13.10
C MET B 220 0.57 18.89 -14.09
N ALA B 221 0.71 19.33 -15.33
CA ALA B 221 -0.29 19.03 -16.36
C ALA B 221 -0.25 17.57 -16.83
N LYS B 222 0.85 16.87 -16.57
CA LYS B 222 0.97 15.45 -16.91
C LYS B 222 0.63 14.51 -15.74
N HIS B 223 0.83 14.98 -14.51
CA HIS B 223 0.97 14.09 -13.37
C HIS B 223 0.28 14.64 -12.13
N ASN B 224 -0.67 13.89 -11.58
CA ASN B 224 -1.28 14.23 -10.31
C ASN B 224 -0.57 13.53 -9.16
N ASN B 225 -0.16 14.30 -8.16
CA ASN B 225 0.63 13.76 -7.05
C ASN B 225 -0.24 13.09 -5.99
N TRP B 226 -1.43 13.63 -5.77
CA TRP B 226 -2.34 13.14 -4.75
C TRP B 226 -3.73 12.87 -5.31
N GLY B 227 -4.36 11.82 -4.80
CA GLY B 227 -5.81 11.66 -4.91
C GLY B 227 -6.47 12.05 -3.60
N LEU B 228 -7.65 12.63 -3.70
CA LEU B 228 -8.49 12.90 -2.53
C LEU B 228 -9.74 12.03 -2.67
N VAL B 229 -9.95 11.15 -1.70
CA VAL B 229 -11.08 10.22 -1.72
C VAL B 229 -11.97 10.48 -0.52
N ILE B 230 -13.28 10.59 -0.77
CA ILE B 230 -14.27 10.70 0.29
C ILE B 230 -15.25 9.53 0.11
N LEU B 231 -15.24 8.62 1.07
CA LEU B 231 -16.10 7.43 1.03
C LEU B 231 -17.05 7.43 2.21
N PRO B 232 -18.36 7.24 1.96
CA PRO B 232 -19.28 7.02 3.09
C PRO B 232 -19.06 5.66 3.71
N LEU B 233 -18.40 5.63 4.87
CA LEU B 233 -18.12 4.40 5.58
C LEU B 233 -19.39 3.89 6.26
N CYS B 234 -20.18 4.82 6.78
CA CYS B 234 -21.51 4.52 7.30
C CYS B 234 -22.48 5.46 6.62
N LYS B 235 -23.54 4.91 6.05
CA LYS B 235 -24.46 5.69 5.22
C LYS B 235 -25.13 6.81 5.99
N LEU B 236 -25.44 7.88 5.27
CA LEU B 236 -26.23 8.97 5.81
C LEU B 236 -27.62 8.46 6.19
N ASP B 237 -28.06 8.76 7.40
CA ASP B 237 -29.41 8.45 7.81
C ASP B 237 -29.99 9.57 8.63
N TYR B 238 -31.27 9.83 8.40
CA TYR B 238 -32.02 10.89 9.06
C TYR B 238 -33.45 10.41 9.10
N ALA B 239 -33.98 10.18 10.29
CA ALA B 239 -35.25 9.47 10.46
C ALA B 239 -36.46 10.18 9.84
N PRO B 240 -36.56 11.51 10.00
CA PRO B 240 -37.72 12.22 9.41
C PRO B 240 -37.75 12.21 7.88
N ASN B 241 -36.61 12.02 7.24
CA ASN B 241 -36.54 11.96 5.79
C ASN B 241 -35.27 11.24 5.33
N SER B 242 -35.40 9.95 5.07
CA SER B 242 -34.26 9.13 4.64
C SER B 242 -33.70 9.56 3.28
N SER B 243 -34.50 10.31 2.50
CA SER B 243 -34.06 10.84 1.21
C SER B 243 -33.42 12.24 1.30
N THR B 244 -33.14 12.72 2.50
CA THR B 244 -32.50 14.02 2.66
C THR B 244 -31.09 14.00 2.07
N GLU B 245 -30.61 15.19 1.71
CA GLU B 245 -29.26 15.35 1.19
C GLU B 245 -28.57 16.45 1.97
N ILE B 246 -27.29 16.24 2.28
CA ILE B 246 -26.49 17.29 2.89
C ILE B 246 -25.24 17.54 2.06
N PRO B 247 -24.84 18.81 1.93
CA PRO B 247 -23.67 19.11 1.11
C PRO B 247 -22.36 18.66 1.72
N ILE B 248 -21.42 18.29 0.85
CA ILE B 248 -20.03 18.17 1.22
C ILE B 248 -19.29 19.22 0.38
N THR B 249 -18.52 20.07 1.04
CA THR B 249 -17.78 21.12 0.36
C THR B 249 -16.29 20.92 0.60
N VAL B 250 -15.52 21.00 -0.48
CA VAL B 250 -14.09 20.79 -0.45
C VAL B 250 -13.41 22.11 -0.76
N THR B 251 -12.53 22.53 0.14
CA THR B 251 -11.78 23.77 0.01
C THR B 251 -10.31 23.43 0.18
N ILE B 252 -9.48 23.84 -0.79
CA ILE B 252 -8.09 23.44 -0.83
C ILE B 252 -7.19 24.63 -1.12
N ALA B 253 -6.12 24.77 -0.34
CA ALA B 253 -5.11 25.80 -0.56
C ALA B 253 -3.79 25.18 -0.96
N PRO B 254 -3.25 25.56 -2.13
CA PRO B 254 -1.85 25.26 -2.41
C PRO B 254 -0.95 25.92 -1.37
N MET B 255 0.22 25.32 -1.13
CA MET B 255 1.19 25.84 -0.17
C MET B 255 2.60 25.65 -0.70
N PHE B 256 3.47 26.62 -0.44
CA PHE B 256 4.87 26.54 -0.85
C PHE B 256 4.99 26.17 -2.32
N THR B 257 4.21 26.84 -3.16
CA THR B 257 4.25 26.57 -4.59
C THR B 257 5.50 27.15 -5.23
N GLU B 258 6.02 26.41 -6.18
CA GLU B 258 7.27 26.74 -6.82
C GLU B 258 7.19 26.21 -8.25
N PHE B 259 7.54 27.06 -9.22
CA PHE B 259 7.40 26.72 -10.64
C PHE B 259 8.67 27.04 -11.41
N ASN B 260 8.99 26.19 -12.39
CA ASN B 260 10.17 26.35 -13.25
C ASN B 260 9.79 26.12 -14.71
N GLY B 261 10.60 26.66 -15.62
CA GLY B 261 10.42 26.41 -17.05
C GLY B 261 9.28 27.21 -17.65
N LEU B 262 9.38 28.53 -17.54
CA LEU B 262 8.38 29.45 -18.07
C LEU B 262 8.39 29.45 -19.60
N ARG B 263 7.20 29.46 -20.20
CA ARG B 263 7.07 29.68 -21.65
C ARG B 263 5.65 30.17 -21.95
N ASN B 264 5.15 29.90 -23.16
CA ASN B 264 3.75 30.15 -23.47
C ASN B 264 2.84 29.21 -22.68
N ILE B 265 1.56 29.56 -22.61
CA ILE B 265 0.63 28.82 -21.75
C ILE B 265 0.22 27.47 -22.33
N THR B 266 0.19 26.47 -21.45
CA THR B 266 -0.35 25.15 -21.76
C THR B 266 -1.87 25.20 -21.79
N VAL B 267 -2.46 24.72 -22.89
CA VAL B 267 -3.91 24.60 -23.00
C VAL B 267 -4.22 23.14 -23.34
N PRO B 268 -4.58 22.34 -22.32
CA PRO B 268 -4.83 20.91 -22.58
C PRO B 268 -6.05 20.65 -23.46
N ALA B 269 -6.05 19.49 -24.09
CA ALA B 269 -7.19 19.03 -24.88
C ALA B 269 -8.41 18.89 -23.99
N THR B 270 -9.58 19.21 -24.53
CA THR B 270 -10.84 19.17 -23.78
C THR B 270 -11.80 18.05 -24.23
N GLN B 271 -11.45 17.36 -25.31
CA GLN B 271 -12.27 16.26 -25.81
C GLN B 271 -11.39 15.21 -26.47
N GLY C 1 48.70 -22.17 -7.33
CA GLY C 1 47.53 -21.62 -6.62
C GLY C 1 47.45 -22.04 -5.16
N LEU C 2 46.72 -21.26 -4.37
CA LEU C 2 46.40 -21.61 -2.98
C LEU C 2 45.59 -22.92 -2.97
N PRO C 3 46.10 -23.95 -2.27
CA PRO C 3 45.32 -25.18 -2.21
C PRO C 3 43.97 -24.99 -1.50
N THR C 4 42.89 -25.41 -2.15
CA THR C 4 41.54 -25.28 -1.62
C THR C 4 40.78 -26.58 -1.83
N MET C 5 39.63 -26.71 -1.18
CA MET C 5 38.82 -27.92 -1.27
C MET C 5 37.35 -27.54 -1.17
N LEU C 6 36.57 -27.88 -2.18
CA LEU C 6 35.15 -27.51 -2.21
C LEU C 6 34.33 -28.33 -1.23
N THR C 7 33.42 -27.65 -0.54
CA THR C 7 32.55 -28.27 0.46
C THR C 7 31.15 -28.47 -0.10
N PRO C 8 30.31 -29.27 0.60
CA PRO C 8 28.91 -29.33 0.21
C PRO C 8 28.27 -27.94 0.15
N GLY C 9 27.31 -27.78 -0.75
CA GLY C 9 26.72 -26.49 -1.06
C GLY C 9 27.32 -25.83 -2.28
N SER C 10 28.51 -26.26 -2.68
CA SER C 10 29.23 -25.60 -3.78
CA SER C 10 29.23 -25.61 -3.78
C SER C 10 28.41 -25.59 -5.07
N SER C 11 28.30 -24.40 -5.66
CA SER C 11 27.58 -24.14 -6.92
C SER C 11 26.05 -24.08 -6.81
N GLN C 12 25.49 -24.28 -5.62
CA GLN C 12 24.04 -24.22 -5.47
C GLN C 12 23.56 -22.77 -5.52
N PHE C 13 22.28 -22.59 -5.88
CA PHE C 13 21.63 -21.28 -5.83
C PHE C 13 20.50 -21.35 -4.80
N LEU C 14 20.83 -20.88 -3.59
CA LEU C 14 19.87 -20.74 -2.50
C LEU C 14 19.26 -19.34 -2.61
N THR C 15 17.94 -19.26 -2.71
CA THR C 15 17.29 -17.98 -3.01
C THR C 15 17.31 -17.00 -1.83
N SER C 16 17.60 -17.51 -0.64
CA SER C 16 17.79 -16.67 0.54
C SER C 16 19.28 -16.48 0.88
N ASP C 17 20.18 -16.79 -0.07
CA ASP C 17 21.61 -16.55 0.15
C ASP C 17 21.90 -15.04 0.22
N ASP C 18 23.10 -14.71 0.65
CA ASP C 18 23.49 -13.32 0.83
C ASP C 18 24.96 -13.15 0.50
N PHE C 19 25.26 -13.17 -0.80
CA PHE C 19 26.62 -13.07 -1.28
C PHE C 19 26.81 -11.82 -2.11
N GLN C 20 28.07 -11.46 -2.29
CA GLN C 20 28.45 -10.41 -3.22
C GLN C 20 28.42 -10.95 -4.63
N SER C 21 28.33 -10.05 -5.62
CA SER C 21 28.39 -10.44 -7.02
C SER C 21 28.87 -9.28 -7.86
N PRO C 22 29.53 -9.56 -9.00
CA PRO C 22 30.06 -8.48 -9.82
C PRO C 22 28.97 -7.57 -10.37
N CYS C 23 29.27 -6.27 -10.47
CA CYS C 23 28.31 -5.30 -10.98
C CYS C 23 28.37 -5.22 -12.50
N ALA C 24 27.21 -5.32 -13.14
CA ALA C 24 27.12 -5.26 -14.61
C ALA C 24 27.38 -3.86 -15.16
N LEU C 25 27.20 -2.84 -14.32
CA LEU C 25 27.41 -1.45 -14.72
C LEU C 25 28.42 -0.78 -13.79
N PRO C 26 29.71 -1.12 -13.96
CA PRO C 26 30.73 -0.58 -13.07
C PRO C 26 30.89 0.95 -13.14
N ASN C 27 31.21 1.54 -11.99
CA ASN C 27 31.37 2.99 -11.81
C ASN C 27 30.20 3.84 -12.31
N PHE C 28 29.00 3.28 -12.15
CA PHE C 28 27.76 3.97 -12.46
C PHE C 28 27.44 4.97 -11.35
N ASP C 29 27.04 6.18 -11.75
CA ASP C 29 26.75 7.27 -10.84
C ASP C 29 25.24 7.32 -10.57
N VAL C 30 24.82 6.76 -9.44
CA VAL C 30 23.39 6.72 -9.11
C VAL C 30 22.81 8.12 -8.93
N THR C 31 21.52 8.27 -9.19
CA THR C 31 20.86 9.55 -8.99
C THR C 31 20.95 9.91 -7.50
N PRO C 32 21.34 11.17 -7.19
CA PRO C 32 21.43 11.53 -5.78
C PRO C 32 20.11 11.35 -5.04
N PRO C 33 20.15 10.91 -3.79
CA PRO C 33 18.90 10.80 -3.04
C PRO C 33 18.39 12.18 -2.62
N ILE C 34 17.07 12.30 -2.49
CA ILE C 34 16.46 13.46 -1.85
C ILE C 34 15.49 12.93 -0.81
N HIS C 35 15.11 13.79 0.13
CA HIS C 35 14.14 13.40 1.13
C HIS C 35 12.76 13.25 0.51
N ILE C 36 12.12 12.12 0.78
CA ILE C 36 10.74 11.87 0.35
C ILE C 36 9.94 11.59 1.63
N PRO C 37 8.75 12.19 1.78
CA PRO C 37 7.96 11.89 2.97
C PRO C 37 7.51 10.43 3.02
N GLY C 38 7.26 9.94 4.23
CA GLY C 38 6.62 8.63 4.41
C GLY C 38 7.53 7.42 4.31
N GLU C 39 8.82 7.56 4.64
CA GLU C 39 9.71 6.42 4.60
C GLU C 39 9.29 5.36 5.62
N VAL C 40 9.34 4.10 5.19
CA VAL C 40 9.02 2.96 6.04
C VAL C 40 10.30 2.16 6.26
N PHE C 41 10.50 1.68 7.48
CA PHE C 41 11.68 0.86 7.81
C PHE C 41 11.35 -0.58 8.16
N ASN C 42 10.14 -0.82 8.65
CA ASN C 42 9.77 -2.14 9.14
C ASN C 42 8.30 -2.41 8.84
N MET C 43 7.99 -3.63 8.40
CA MET C 43 6.61 -3.99 8.11
C MET C 43 5.72 -3.91 9.35
N MET C 44 6.31 -4.05 10.55
CA MET C 44 5.52 -3.93 11.77
CA MET C 44 5.53 -3.93 11.78
C MET C 44 5.04 -2.50 12.02
N GLU C 45 5.70 -1.50 11.43
CA GLU C 45 5.17 -0.13 11.48
C GLU C 45 3.79 -0.09 10.84
N LEU C 46 3.65 -0.80 9.73
CA LEU C 46 2.39 -0.85 8.99
C LEU C 46 1.34 -1.66 9.75
N ALA C 47 1.78 -2.69 10.46
CA ALA C 47 0.89 -3.53 11.26
C ALA C 47 0.27 -2.78 12.45
N GLU C 48 0.92 -1.70 12.89
CA GLU C 48 0.41 -0.89 14.00
C GLU C 48 -0.65 0.13 13.57
N ILE C 49 -0.88 0.26 12.27
CA ILE C 49 -1.92 1.16 11.74
C ILE C 49 -3.28 0.46 11.82
N ASP C 50 -4.30 1.18 12.29
CA ASP C 50 -5.66 0.64 12.30
C ASP C 50 -6.15 0.42 10.87
N SER C 51 -6.76 -0.73 10.62
CA SER C 51 -7.54 -0.95 9.40
C SER C 51 -8.86 -1.61 9.77
N MET C 52 -9.85 -1.43 8.90
CA MET C 52 -11.22 -1.82 9.20
C MET C 52 -11.43 -3.32 9.04
N ILE C 53 -12.04 -3.95 10.04
CA ILE C 53 -12.41 -5.36 9.94
C ILE C 53 -13.70 -5.46 9.12
N PRO C 54 -13.74 -6.33 8.08
CA PRO C 54 -15.00 -6.57 7.38
C PRO C 54 -15.89 -7.49 8.22
N MET C 55 -16.37 -6.96 9.33
CA MET C 55 -17.01 -7.75 10.37
C MET C 55 -18.34 -8.34 9.90
N ASN C 56 -19.04 -7.60 9.03
CA ASN C 56 -20.35 -8.03 8.56
C ASN C 56 -20.31 -8.61 7.14
N SER C 57 -19.33 -9.46 6.88
CA SER C 57 -19.16 -10.06 5.56
CA SER C 57 -19.15 -10.07 5.57
C SER C 57 -20.10 -11.26 5.36
N VAL C 58 -21.38 -11.05 5.64
CA VAL C 58 -22.40 -12.09 5.46
C VAL C 58 -22.86 -12.10 4.01
N THR C 59 -23.64 -13.11 3.63
CA THR C 59 -24.15 -13.20 2.27
C THR C 59 -24.92 -11.93 1.91
N GLY C 60 -24.59 -11.36 0.74
CA GLY C 60 -25.20 -10.11 0.30
C GLY C 60 -24.42 -8.86 0.70
N LYS C 61 -23.53 -9.00 1.67
CA LYS C 61 -22.70 -7.88 2.12
C LYS C 61 -21.21 -8.08 1.89
N ALA C 62 -20.73 -9.33 1.94
CA ALA C 62 -19.35 -9.66 1.58
C ALA C 62 -19.01 -9.03 0.21
N ASN C 63 -17.81 -8.46 0.11
CA ASN C 63 -17.34 -7.86 -1.15
C ASN C 63 -18.21 -6.69 -1.62
N THR C 64 -18.70 -5.92 -0.64
CA THR C 64 -19.34 -4.63 -0.85
C THR C 64 -18.90 -3.74 0.30
N MET C 65 -19.10 -2.43 0.18
CA MET C 65 -18.75 -1.53 1.28
C MET C 65 -19.55 -1.85 2.55
N GLU C 66 -20.71 -2.48 2.39
CA GLU C 66 -21.55 -2.86 3.53
C GLU C 66 -20.99 -4.03 4.35
N MET C 67 -19.87 -4.62 3.93
CA MET C 67 -19.23 -5.66 4.75
C MET C 67 -18.59 -5.12 6.02
N TYR C 68 -18.31 -3.82 6.07
CA TYR C 68 -17.61 -3.22 7.21
C TYR C 68 -18.51 -2.80 8.39
N PRO C 69 -19.59 -2.03 8.13
CA PRO C 69 -20.36 -1.54 9.28
C PRO C 69 -21.06 -2.64 10.07
N ILE C 70 -20.92 -2.58 11.39
CA ILE C 70 -21.53 -3.55 12.30
C ILE C 70 -22.91 -3.03 12.71
N PRO C 71 -23.99 -3.77 12.38
CA PRO C 71 -25.32 -3.30 12.74
C PRO C 71 -25.57 -3.18 14.24
N LEU C 72 -26.14 -2.05 14.63
CA LEU C 72 -26.58 -1.78 16.00
C LEU C 72 -28.00 -1.27 15.93
N ASP C 73 -28.74 -1.42 17.03
CA ASP C 73 -30.07 -0.84 17.11
C ASP C 73 -30.44 -0.57 18.56
N ASP C 74 -31.63 -0.03 18.78
CA ASP C 74 -32.06 0.36 20.13
C ASP C 74 -32.94 -0.68 20.83
N LYS C 75 -32.91 -1.93 20.36
CA LYS C 75 -33.83 -2.95 20.87
C LYS C 75 -33.30 -3.73 22.10
N GLY C 76 -32.00 -3.65 22.36
CA GLY C 76 -31.41 -4.27 23.54
C GLY C 76 -31.48 -5.79 23.59
N SER C 77 -31.35 -6.43 22.43
CA SER C 77 -31.31 -7.89 22.36
C SER C 77 -30.17 -8.45 23.20
N ALA C 78 -30.38 -9.65 23.75
CA ALA C 78 -29.34 -10.37 24.50
C ALA C 78 -28.38 -11.15 23.59
N THR C 79 -28.72 -11.23 22.30
CA THR C 79 -27.85 -11.92 21.36
CA THR C 79 -27.89 -11.89 21.29
C THR C 79 -26.58 -11.12 21.12
N PRO C 80 -25.45 -11.81 20.89
CA PRO C 80 -24.22 -11.05 20.63
C PRO C 80 -24.32 -10.18 19.37
N ILE C 81 -23.62 -9.04 19.41
CA ILE C 81 -23.60 -8.08 18.31
C ILE C 81 -22.65 -8.55 17.20
N PHE C 82 -21.51 -9.09 17.60
CA PHE C 82 -20.62 -9.81 16.69
C PHE C 82 -19.81 -10.79 17.53
N SER C 83 -19.25 -11.80 16.85
CA SER C 83 -18.38 -12.79 17.49
C SER C 83 -17.34 -13.22 16.47
N ILE C 84 -16.08 -13.27 16.90
CA ILE C 84 -14.98 -13.60 15.99
C ILE C 84 -13.84 -14.25 16.77
N SER C 85 -13.16 -15.20 16.16
CA SER C 85 -12.02 -15.88 16.78
C SER C 85 -10.74 -15.08 16.61
N LEU C 86 -9.87 -15.16 17.60
CA LEU C 86 -8.57 -14.49 17.54
C LEU C 86 -7.60 -15.33 16.72
N SER C 87 -7.81 -15.30 15.41
CA SER C 87 -7.00 -16.00 14.42
C SER C 87 -6.69 -14.96 13.34
N PRO C 88 -5.74 -14.06 13.62
CA PRO C 88 -5.61 -12.85 12.80
C PRO C 88 -5.08 -13.05 11.38
N ALA C 89 -4.43 -14.19 11.11
CA ALA C 89 -3.94 -14.50 9.77
C ALA C 89 -4.92 -15.31 8.94
N SER C 90 -5.68 -16.19 9.60
CA SER C 90 -6.47 -17.21 8.89
C SER C 90 -7.99 -16.99 8.92
N ASP C 91 -8.49 -16.20 9.86
CA ASP C 91 -9.92 -15.97 9.94
C ASP C 91 -10.44 -15.31 8.66
N LYS C 92 -11.64 -15.72 8.22
CA LYS C 92 -12.22 -15.23 6.98
C LYS C 92 -12.42 -13.71 6.95
N ARG C 93 -12.58 -13.10 8.12
CA ARG C 93 -12.75 -11.65 8.22
C ARG C 93 -11.46 -10.90 8.57
N LEU C 94 -10.59 -11.51 9.36
CA LEU C 94 -9.33 -10.82 9.73
C LEU C 94 -8.23 -10.93 8.68
N GLN C 95 -8.25 -11.97 7.85
CA GLN C 95 -7.16 -12.24 6.90
CA GLN C 95 -7.14 -12.22 6.93
C GLN C 95 -6.92 -11.11 5.89
N TYR C 96 -7.97 -10.35 5.58
CA TYR C 96 -7.85 -9.28 4.57
C TYR C 96 -7.69 -7.88 5.15
N THR C 97 -7.57 -7.77 6.47
CA THR C 97 -7.15 -6.52 7.10
C THR C 97 -5.68 -6.29 6.78
N MET C 98 -5.20 -5.07 7.00
CA MET C 98 -3.80 -4.77 6.75
C MET C 98 -2.89 -5.66 7.60
N LEU C 99 -3.23 -5.80 8.87
CA LEU C 99 -2.50 -6.70 9.76
C LEU C 99 -2.53 -8.13 9.23
N GLY C 100 -3.72 -8.60 8.87
CA GLY C 100 -3.87 -9.95 8.33
C GLY C 100 -3.02 -10.19 7.10
N GLU C 101 -2.97 -9.20 6.21
CA GLU C 101 -2.20 -9.33 4.97
C GLU C 101 -0.70 -9.44 5.25
N ILE C 102 -0.22 -8.63 6.20
CA ILE C 102 1.19 -8.69 6.59
C ILE C 102 1.50 -10.03 7.26
N LEU C 103 0.61 -10.48 8.15
CA LEU C 103 0.79 -11.77 8.84
C LEU C 103 0.91 -12.95 7.87
N ASN C 104 0.26 -12.86 6.71
CA ASN C 104 0.30 -13.96 5.76
C ASN C 104 1.59 -14.04 4.93
N TYR C 105 2.52 -13.12 5.16
CA TYR C 105 3.90 -13.27 4.69
C TYR C 105 4.82 -13.86 5.77
N TYR C 106 4.25 -14.23 6.92
CA TYR C 106 5.03 -14.80 8.01
C TYR C 106 4.37 -16.06 8.55
N THR C 107 5.16 -16.86 9.26
CA THR C 107 4.68 -18.14 9.77
C THR C 107 4.26 -18.05 11.23
N HIS C 108 4.91 -17.16 11.97
CA HIS C 108 4.74 -17.03 13.41
C HIS C 108 4.44 -15.59 13.80
N TRP C 109 3.57 -15.42 14.79
CA TRP C 109 3.29 -14.09 15.36
C TRP C 109 3.21 -14.15 16.87
N THR C 110 3.48 -13.02 17.50
CA THR C 110 3.38 -12.89 18.94
C THR C 110 3.03 -11.46 19.30
N GLY C 111 2.34 -11.29 20.41
CA GLY C 111 2.01 -9.96 20.92
C GLY C 111 0.53 -9.69 21.07
N SER C 112 0.24 -8.45 21.48
CA SER C 112 -1.11 -8.05 21.81
C SER C 112 -1.78 -7.38 20.62
N LEU C 113 -3.09 -7.59 20.51
CA LEU C 113 -3.88 -7.05 19.42
C LEU C 113 -4.86 -6.03 19.96
N ARG C 114 -4.98 -4.92 19.23
CA ARG C 114 -5.79 -3.78 19.63
C ARG C 114 -7.01 -3.69 18.73
N PHE C 115 -8.20 -3.69 19.34
CA PHE C 115 -9.44 -3.56 18.60
C PHE C 115 -10.11 -2.26 19.00
N THR C 116 -10.26 -1.34 18.05
CA THR C 116 -10.81 -0.03 18.32
C THR C 116 -12.13 0.12 17.57
N PHE C 117 -13.15 0.60 18.28
CA PHE C 117 -14.51 0.67 17.76
C PHE C 117 -14.97 2.10 17.72
N LEU C 118 -15.54 2.50 16.58
CA LEU C 118 -16.04 3.85 16.37
C LEU C 118 -17.56 3.80 16.23
N PHE C 119 -18.26 4.46 17.15
CA PHE C 119 -19.73 4.50 17.09
C PHE C 119 -20.17 5.60 16.13
N CYS C 120 -21.04 5.24 15.18
CA CYS C 120 -21.45 6.17 14.12
C CYS C 120 -22.96 6.44 14.09
N GLY C 121 -23.61 6.27 15.23
CA GLY C 121 -24.99 6.73 15.39
C GLY C 121 -25.04 8.25 15.50
N SER C 122 -26.23 8.78 15.78
CA SER C 122 -26.40 10.21 15.97
C SER C 122 -25.85 10.63 17.33
N MET C 123 -25.63 11.93 17.51
CA MET C 123 -25.17 12.44 18.80
C MET C 123 -26.20 12.17 19.90
N MET C 124 -27.48 12.12 19.53
CA MET C 124 -28.56 11.88 20.49
C MET C 124 -28.65 10.43 20.99
N ALA C 125 -27.97 9.50 20.33
CA ALA C 125 -27.96 8.11 20.75
C ALA C 125 -26.99 7.90 21.91
N THR C 126 -27.45 7.20 22.93
CA THR C 126 -26.61 6.80 24.07
C THR C 126 -26.55 5.29 24.13
N GLY C 127 -25.67 4.76 24.97
CA GLY C 127 -25.59 3.32 25.13
C GLY C 127 -24.36 2.86 25.87
N LYS C 128 -24.42 1.64 26.37
CA LYS C 128 -23.26 0.98 26.96
C LYS C 128 -23.12 -0.38 26.31
N ILE C 129 -21.89 -0.70 25.91
CA ILE C 129 -21.58 -1.91 25.14
C ILE C 129 -20.42 -2.64 25.82
N LEU C 130 -20.57 -3.96 25.97
CA LEU C 130 -19.51 -4.80 26.53
C LEU C 130 -18.72 -5.45 25.39
N LEU C 131 -17.40 -5.32 25.45
CA LEU C 131 -16.47 -5.92 24.47
C LEU C 131 -15.58 -6.87 25.24
N SER C 132 -15.49 -8.13 24.80
CA SER C 132 -14.79 -9.15 25.57
CA SER C 132 -14.80 -9.17 25.57
C SER C 132 -13.82 -9.98 24.74
N TYR C 133 -12.74 -10.42 25.41
CA TYR C 133 -11.77 -11.37 24.87
C TYR C 133 -11.65 -12.51 25.88
N SER C 134 -11.98 -13.71 25.45
CA SER C 134 -11.90 -14.90 26.29
C SER C 134 -10.79 -15.81 25.79
N PRO C 135 -9.71 -15.95 26.56
CA PRO C 135 -8.66 -16.91 26.16
C PRO C 135 -9.23 -18.31 26.00
N PRO C 136 -8.60 -19.14 25.15
CA PRO C 136 -9.22 -20.39 24.71
C PRO C 136 -9.31 -21.50 25.77
N GLY C 137 -9.98 -22.60 25.38
CA GLY C 137 -10.04 -23.80 26.21
C GLY C 137 -11.33 -24.02 26.97
N ALA C 138 -12.29 -23.10 26.85
CA ALA C 138 -13.60 -23.25 27.50
C ALA C 138 -14.71 -23.00 26.47
N LYS C 139 -15.96 -23.25 26.89
CA LYS C 139 -17.11 -23.06 26.02
C LYS C 139 -17.07 -21.66 25.40
N PRO C 140 -17.13 -21.57 24.05
CA PRO C 140 -17.14 -20.23 23.46
C PRO C 140 -18.33 -19.42 23.96
N PRO C 141 -18.10 -18.15 24.34
CA PRO C 141 -19.18 -17.36 24.95
C PRO C 141 -20.24 -16.94 23.95
N THR C 142 -21.50 -17.23 24.26
CA THR C 142 -22.64 -16.78 23.45
C THR C 142 -23.64 -15.97 24.26
N THR C 143 -23.31 -15.70 25.52
CA THR C 143 -24.13 -14.88 26.40
C THR C 143 -23.24 -13.89 27.14
N ARG C 144 -23.82 -12.77 27.55
CA ARG C 144 -23.06 -11.75 28.24
C ARG C 144 -22.47 -12.26 29.55
N LYS C 145 -23.22 -13.09 30.27
CA LYS C 145 -22.73 -13.56 31.57
C LYS C 145 -21.52 -14.49 31.46
N ASP C 146 -21.35 -15.16 30.33
CA ASP C 146 -20.10 -15.90 30.09
C ASP C 146 -18.99 -14.96 29.59
N ALA C 147 -19.34 -14.06 28.66
CA ALA C 147 -18.36 -13.13 28.09
C ALA C 147 -17.69 -12.26 29.16
N MET C 148 -18.48 -11.80 30.13
CA MET C 148 -17.97 -10.89 31.16
C MET C 148 -17.01 -11.55 32.16
N LEU C 149 -16.90 -12.88 32.11
CA LEU C 149 -15.92 -13.60 32.93
C LEU C 149 -14.50 -13.51 32.35
N GLY C 150 -14.39 -13.15 31.06
CA GLY C 150 -13.10 -12.97 30.41
C GLY C 150 -12.59 -11.54 30.51
N THR C 151 -11.53 -11.26 29.76
CA THR C 151 -11.00 -9.91 29.67
C THR C 151 -12.04 -9.07 28.95
N HIS C 152 -12.41 -7.92 29.51
CA HIS C 152 -13.44 -7.12 28.87
C HIS C 152 -13.42 -5.66 29.28
N ILE C 153 -14.10 -4.86 28.48
CA ILE C 153 -14.29 -3.45 28.75
C ILE C 153 -15.73 -3.07 28.50
N ILE C 154 -16.26 -2.24 29.39
CA ILE C 154 -17.59 -1.64 29.24
CA ILE C 154 -17.59 -1.66 29.22
C ILE C 154 -17.41 -0.26 28.65
N TRP C 155 -17.92 -0.07 27.44
CA TRP C 155 -17.80 1.16 26.67
C TRP C 155 -19.05 2.00 26.84
N ASP C 156 -18.89 3.20 27.37
CA ASP C 156 -19.98 4.17 27.47
C ASP C 156 -19.91 5.08 26.25
N LEU C 157 -20.98 5.09 25.46
CA LEU C 157 -21.04 5.96 24.29
C LEU C 157 -21.15 7.41 24.71
N GLY C 158 -20.44 8.29 24.03
CA GLY C 158 -20.43 9.70 24.42
C GLY C 158 -19.56 10.55 23.52
N LEU C 159 -19.10 11.67 24.06
CA LEU C 159 -18.34 12.63 23.27
C LEU C 159 -17.08 12.01 22.69
N GLN C 160 -16.35 11.24 23.50
CA GLN C 160 -15.23 10.46 22.98
C GLN C 160 -15.86 9.30 22.20
N SER C 161 -15.63 9.30 20.89
CA SER C 161 -16.39 8.48 19.96
C SER C 161 -15.98 7.02 19.91
N SER C 162 -14.77 6.72 20.37
CA SER C 162 -14.13 5.44 20.11
C SER C 162 -13.67 4.79 21.39
N CYS C 163 -13.70 3.46 21.41
CA CYS C 163 -13.22 2.69 22.54
C CYS C 163 -12.29 1.58 22.06
N THR C 164 -11.21 1.37 22.80
CA THR C 164 -10.25 0.34 22.48
C THR C 164 -10.35 -0.83 23.48
N MET C 165 -10.54 -2.04 22.95
CA MET C 165 -10.45 -3.28 23.71
C MET C 165 -9.15 -3.95 23.29
N LEU C 166 -8.40 -4.46 24.26
CA LEU C 166 -7.18 -5.20 23.99
C LEU C 166 -7.41 -6.69 24.12
N ALA C 167 -6.82 -7.45 23.19
CA ALA C 167 -6.59 -8.87 23.38
C ALA C 167 -5.13 -8.98 23.80
N PRO C 168 -4.85 -8.94 25.11
CA PRO C 168 -3.46 -9.03 25.54
C PRO C 168 -2.86 -10.36 25.15
N TRP C 169 -1.55 -10.39 24.95
CA TRP C 169 -0.86 -11.62 24.64
C TRP C 169 -0.98 -12.61 25.80
N ILE C 170 -1.81 -13.64 25.59
CA ILE C 170 -2.02 -14.70 26.55
C ILE C 170 -2.00 -15.99 25.74
N SER C 171 -0.91 -16.73 25.86
CA SER C 171 -0.63 -17.87 25.00
C SER C 171 0.25 -18.87 25.75
N ASN C 172 0.08 -20.15 25.45
CA ASN C 172 1.02 -21.16 25.93
C ASN C 172 2.36 -21.05 25.19
N THR C 173 2.31 -21.11 23.86
CA THR C 173 3.52 -21.00 23.05
C THR C 173 4.00 -19.56 23.01
N VAL C 174 5.28 -19.38 22.70
CA VAL C 174 5.87 -18.04 22.64
C VAL C 174 5.44 -17.32 21.34
N TYR C 175 5.18 -18.11 20.30
CA TYR C 175 4.57 -17.63 19.07
C TYR C 175 3.38 -18.48 18.71
N ARG C 176 2.39 -17.88 18.06
CA ARG C 176 1.31 -18.61 17.42
C ARG C 176 1.60 -18.73 15.93
N ARG C 177 0.95 -19.69 15.28
CA ARG C 177 1.13 -19.90 13.84
C ARG C 177 0.12 -19.08 13.06
N CYS C 178 0.57 -18.55 11.92
CA CYS C 178 -0.28 -17.76 11.01
C CYS C 178 -1.11 -18.65 10.08
N ILE C 179 -1.79 -19.63 10.69
CA ILE C 179 -2.71 -20.54 10.02
C ILE C 179 -3.77 -20.92 11.04
N LYS C 180 -4.85 -21.52 10.59
CA LYS C 180 -5.83 -22.10 11.50
C LYS C 180 -5.20 -23.33 12.14
N ASP C 181 -5.16 -23.37 13.46
CA ASP C 181 -4.40 -24.37 14.19
C ASP C 181 -4.92 -24.48 15.63
N ASP C 182 -5.38 -25.67 16.01
CA ASP C 182 -5.92 -25.86 17.38
C ASP C 182 -4.89 -25.56 18.46
N PHE C 183 -3.65 -26.03 18.25
CA PHE C 183 -2.61 -25.87 19.27
C PHE C 183 -2.32 -24.40 19.58
N THR C 184 -2.36 -23.55 18.56
CA THR C 184 -2.09 -22.12 18.75
C THR C 184 -3.36 -21.27 18.59
N GLU C 185 -4.52 -21.85 18.91
CA GLU C 185 -5.77 -21.10 18.95
C GLU C 185 -5.65 -19.91 19.90
N GLY C 186 -6.35 -18.82 19.58
CA GLY C 186 -6.20 -17.56 20.29
C GLY C 186 -7.35 -17.17 21.20
N GLY C 187 -8.50 -17.81 21.06
CA GLY C 187 -9.66 -17.48 21.87
C GLY C 187 -10.73 -16.70 21.13
N TYR C 188 -11.60 -16.04 21.89
CA TYR C 188 -12.88 -15.58 21.38
C TYR C 188 -13.14 -14.13 21.72
N ILE C 189 -13.52 -13.35 20.71
CA ILE C 189 -13.90 -11.96 20.91
C ILE C 189 -15.39 -11.82 20.63
N THR C 190 -16.11 -11.22 21.57
CA THR C 190 -17.56 -11.07 21.48
CA THR C 190 -17.54 -11.00 21.34
C THR C 190 -17.99 -9.67 21.95
N CYS C 191 -19.26 -9.37 21.76
CA CYS C 191 -19.78 -8.05 22.04
C CYS C 191 -21.26 -8.14 22.36
N PHE C 192 -21.67 -7.47 23.44
CA PHE C 192 -23.07 -7.48 23.90
C PHE C 192 -23.49 -6.09 24.31
N TYR C 193 -24.80 -5.82 24.24
CA TYR C 193 -25.34 -4.63 24.89
C TYR C 193 -25.20 -4.79 26.40
N GLN C 194 -24.60 -3.79 27.04
CA GLN C 194 -24.47 -3.75 28.49
C GLN C 194 -25.75 -3.19 29.11
N THR C 195 -26.24 -2.10 28.54
CA THR C 195 -27.60 -1.62 28.79
C THR C 195 -28.35 -1.83 27.47
N ARG C 196 -28.67 -0.75 26.78
CA ARG C 196 -29.08 -0.80 25.38
C ARG C 196 -28.78 0.56 24.78
N ILE C 197 -28.82 0.63 23.45
CA ILE C 197 -28.78 1.93 22.80
C ILE C 197 -30.16 2.56 22.97
N VAL C 198 -30.17 3.83 23.38
CA VAL C 198 -31.40 4.58 23.56
C VAL C 198 -31.34 5.84 22.70
N VAL C 199 -32.44 6.12 22.02
CA VAL C 199 -32.58 7.34 21.24
C VAL C 199 -33.90 8.02 21.58
N PRO C 200 -33.97 9.35 21.41
CA PRO C 200 -35.24 10.05 21.53
C PRO C 200 -35.99 9.98 20.19
N SER C 201 -37.16 10.57 20.12
CA SER C 201 -37.92 10.57 18.87
C SER C 201 -37.22 11.40 17.79
N GLY C 202 -37.57 11.15 16.54
CA GLY C 202 -36.98 11.87 15.41
C GLY C 202 -35.53 11.51 15.13
N THR C 203 -35.14 10.31 15.56
CA THR C 203 -33.74 9.86 15.54
C THR C 203 -33.69 8.44 14.98
N PRO C 204 -32.66 8.11 14.17
CA PRO C 204 -32.61 6.73 13.67
C PRO C 204 -32.48 5.72 14.82
N THR C 205 -33.24 4.63 14.73
CA THR C 205 -33.25 3.59 15.76
C THR C 205 -32.31 2.44 15.42
N SER C 206 -31.77 2.46 14.20
CA SER C 206 -30.70 1.54 13.82
CA SER C 206 -30.72 1.53 13.75
C SER C 206 -29.53 2.36 13.30
N MET C 207 -28.34 1.84 13.52
CA MET C 207 -27.11 2.56 13.19
CA MET C 207 -27.10 2.56 13.21
C MET C 207 -25.95 1.57 13.13
N PHE C 208 -24.73 2.07 13.00
CA PHE C 208 -23.57 1.21 12.87
C PHE C 208 -22.41 1.65 13.74
N MET C 209 -21.50 0.70 13.99
CA MET C 209 -20.16 1.03 14.43
C MET C 209 -19.16 0.38 13.49
N LEU C 210 -17.94 0.92 13.49
CA LEU C 210 -16.84 0.37 12.71
C LEU C 210 -15.81 -0.21 13.66
N ALA C 211 -15.27 -1.37 13.30
CA ALA C 211 -14.25 -2.04 14.10
C ALA C 211 -12.92 -2.01 13.35
N PHE C 212 -11.86 -1.62 14.06
CA PHE C 212 -10.50 -1.58 13.52
C PHE C 212 -9.61 -2.53 14.30
N VAL C 213 -8.59 -3.06 13.64
CA VAL C 213 -7.58 -3.88 14.31
C VAL C 213 -6.18 -3.35 13.99
N SER C 214 -5.31 -3.41 14.99
CA SER C 214 -3.89 -3.10 14.80
C SER C 214 -3.05 -3.86 15.82
N ALA C 215 -1.76 -3.96 15.53
CA ALA C 215 -0.80 -4.59 16.43
C ALA C 215 -0.28 -3.59 17.45
N CYS C 216 0.02 -4.08 18.66
CA CYS C 216 0.65 -3.28 19.70
C CYS C 216 2.18 -3.26 19.56
N PRO C 217 2.85 -2.38 20.31
CA PRO C 217 4.32 -2.35 20.24
C PRO C 217 5.04 -3.60 20.75
N ASP C 218 4.33 -4.48 21.48
CA ASP C 218 4.90 -5.77 21.89
C ASP C 218 4.85 -6.85 20.79
N PHE C 219 4.32 -6.49 19.62
CA PHE C 219 4.02 -7.45 18.56
C PHE C 219 5.20 -7.63 17.63
N SER C 220 5.46 -8.88 17.24
CA SER C 220 6.45 -9.16 16.20
C SER C 220 6.09 -10.43 15.43
N VAL C 221 6.74 -10.61 14.28
CA VAL C 221 6.50 -11.74 13.39
C VAL C 221 7.81 -12.40 12.98
N ARG C 222 7.73 -13.68 12.61
CA ARG C 222 8.90 -14.46 12.18
C ARG C 222 8.59 -15.39 11.03
N LEU C 223 9.68 -15.76 10.36
CA LEU C 223 9.71 -16.84 9.36
C LEU C 223 8.95 -16.46 8.11
N LEU C 224 9.64 -15.71 7.27
CA LEU C 224 9.08 -15.22 6.01
C LEU C 224 8.57 -16.38 5.17
N ARG C 225 7.43 -16.17 4.53
CA ARG C 225 6.84 -17.19 3.66
C ARG C 225 6.00 -16.53 2.59
N ASP C 226 5.71 -17.29 1.54
CA ASP C 226 4.79 -16.79 0.53
C ASP C 226 3.35 -16.82 1.04
N THR C 227 2.58 -15.86 0.58
CA THR C 227 1.19 -15.73 0.96
C THR C 227 0.30 -16.59 0.07
N ASN C 228 -0.84 -17.02 0.60
CA ASN C 228 -1.84 -17.69 -0.22
C ASN C 228 -2.85 -16.68 -0.85
N HIS C 229 -2.61 -15.36 -0.69
CA HIS C 229 -3.56 -14.35 -1.18
C HIS C 229 -3.32 -13.84 -2.61
N ILE C 230 -2.28 -14.32 -3.28
CA ILE C 230 -2.03 -13.93 -4.66
C ILE C 230 -1.51 -15.14 -5.45
N SER C 231 -1.93 -15.24 -6.72
CA SER C 231 -1.55 -16.36 -7.58
C SER C 231 -1.72 -15.96 -9.04
N GLN C 232 -1.33 -16.86 -9.94
CA GLN C 232 -1.54 -16.63 -11.37
C GLN C 232 -1.60 -17.96 -12.12
N ARG C 233 -2.26 -17.93 -13.27
CA ARG C 233 -2.39 -19.12 -14.12
C ARG C 233 -1.08 -19.45 -14.82
N THR C 234 -0.88 -20.73 -15.14
CA THR C 234 0.33 -21.20 -15.81
C THR C 234 0.00 -22.21 -16.90
N GLY D 2 40.77 -3.65 5.89
CA GLY D 2 39.53 -3.76 5.07
C GLY D 2 38.44 -4.65 5.65
N ALA D 3 38.81 -5.53 6.58
CA ALA D 3 37.87 -6.49 7.16
C ALA D 3 36.99 -5.83 8.22
N GLN D 4 35.69 -6.09 8.13
CA GLN D 4 34.74 -5.63 9.13
C GLN D 4 34.30 -6.84 9.96
N VAL D 5 34.36 -6.70 11.28
CA VAL D 5 33.93 -7.74 12.20
C VAL D 5 32.66 -7.25 12.89
N SER D 6 31.59 -8.05 12.81
CA SER D 6 30.27 -7.67 13.31
C SER D 6 29.62 -8.82 14.06
N SER D 7 28.64 -8.50 14.90
CA SER D 7 27.90 -9.52 15.66
C SER D 7 26.97 -10.31 14.75
N GLN D 8 26.95 -11.63 14.93
CA GLN D 8 26.00 -12.48 14.24
C GLN D 8 24.63 -12.42 14.89
N LYS D 9 23.61 -12.80 14.12
CA LYS D 9 22.28 -13.07 14.67
C LYS D 9 22.36 -14.36 15.48
N VAL D 10 21.93 -14.32 16.74
CA VAL D 10 22.08 -15.50 17.62
C VAL D 10 21.26 -16.73 17.16
N GLY D 11 21.79 -17.91 17.42
CA GLY D 11 21.13 -19.16 17.06
C GLY D 11 20.61 -19.90 18.28
N ALA D 12 20.51 -21.23 18.16
CA ALA D 12 19.98 -22.09 19.23
C ALA D 12 20.75 -22.00 20.55
N HIS D 13 22.07 -21.82 20.47
CA HIS D 13 22.93 -21.94 21.65
C HIS D 13 24.29 -21.30 21.40
N VAL D 25 28.34 -15.47 18.06
CA VAL D 25 29.72 -15.00 17.97
C VAL D 25 29.77 -13.80 17.01
N ASN D 26 30.94 -13.52 16.45
CA ASN D 26 31.10 -12.51 15.41
C ASN D 26 31.35 -13.17 14.06
N TYR D 27 31.23 -12.38 13.00
CA TYR D 27 31.62 -12.83 11.66
C TYR D 27 32.37 -11.73 10.94
N THR D 28 33.09 -12.12 9.90
CA THR D 28 34.00 -11.23 9.18
C THR D 28 33.53 -11.02 7.74
N THR D 29 33.58 -9.77 7.29
CA THR D 29 33.22 -9.42 5.92
C THR D 29 34.31 -8.55 5.30
N ILE D 30 34.69 -8.89 4.07
CA ILE D 30 35.56 -8.06 3.24
C ILE D 30 34.82 -7.84 1.92
N ASN D 31 34.72 -6.58 1.48
CA ASN D 31 34.15 -6.28 0.17
C ASN D 31 35.20 -6.47 -0.92
N TYR D 32 34.84 -7.24 -1.95
CA TYR D 32 35.76 -7.62 -3.02
C TYR D 32 35.64 -6.75 -4.27
N TYR D 33 34.56 -5.97 -4.35
CA TYR D 33 34.22 -5.23 -5.58
C TYR D 33 34.24 -3.73 -5.38
N LYS D 34 34.49 -3.00 -6.47
CA LYS D 34 34.64 -1.54 -6.41
C LYS D 34 33.31 -0.77 -6.40
N ASP D 35 32.20 -1.47 -6.64
CA ASP D 35 30.87 -0.86 -6.65
C ASP D 35 30.08 -1.34 -5.43
N SER D 36 29.49 -0.40 -4.67
CA SER D 36 28.71 -0.77 -3.50
CA SER D 36 28.70 -0.78 -3.49
C SER D 36 27.48 -1.62 -3.87
N ALA D 37 27.00 -1.48 -5.10
CA ALA D 37 25.88 -2.30 -5.58
C ALA D 37 26.19 -3.80 -5.50
N SER D 38 27.47 -4.16 -5.59
CA SER D 38 27.92 -5.54 -5.48
C SER D 38 27.84 -6.12 -4.06
N ASN D 39 27.72 -5.25 -3.06
CA ASN D 39 27.77 -5.70 -1.67
C ASN D 39 26.61 -6.58 -1.29
N ALA D 40 26.82 -7.38 -0.25
CA ALA D 40 25.78 -8.19 0.34
C ALA D 40 24.74 -7.30 1.03
N ALA D 41 23.73 -7.92 1.63
CA ALA D 41 22.61 -7.19 2.22
C ALA D 41 23.06 -6.13 3.23
N SER D 42 22.31 -5.03 3.28
CA SER D 42 22.51 -4.03 4.30
C SER D 42 22.37 -4.65 5.69
N LYS D 43 23.13 -4.12 6.65
CA LYS D 43 23.05 -4.59 8.03
C LYS D 43 21.67 -4.29 8.61
N LEU D 44 21.23 -5.11 9.56
CA LEU D 44 19.92 -4.93 10.18
C LEU D 44 19.72 -3.50 10.67
N ASP D 45 18.63 -2.88 10.20
CA ASP D 45 18.27 -1.53 10.60
C ASP D 45 16.96 -1.59 11.36
N PHE D 46 17.05 -1.40 12.68
CA PHE D 46 15.88 -1.49 13.56
C PHE D 46 15.14 -0.16 13.72
N SER D 47 15.52 0.85 12.94
CA SER D 47 14.83 2.14 12.95
C SER D 47 13.33 1.95 12.74
N GLN D 48 12.54 2.76 13.43
CA GLN D 48 11.10 2.81 13.18
C GLN D 48 10.50 4.07 13.79
N ASP D 49 9.39 4.49 13.22
CA ASP D 49 8.61 5.61 13.73
C ASP D 49 7.17 5.41 13.31
N PRO D 50 6.48 4.46 13.95
CA PRO D 50 5.10 4.18 13.52
C PRO D 50 4.19 5.41 13.56
N SER D 51 4.48 6.37 14.44
CA SER D 51 3.62 7.53 14.64
CA SER D 51 3.63 7.55 14.64
C SER D 51 3.39 8.36 13.37
N LYS D 52 4.31 8.31 12.41
CA LYS D 52 4.10 9.06 11.17
C LYS D 52 2.91 8.51 10.37
N PHE D 53 2.53 7.26 10.65
CA PHE D 53 1.34 6.62 10.06
C PHE D 53 0.21 6.41 11.07
N THR D 54 0.54 6.12 12.33
CA THR D 54 -0.48 5.78 13.32
C THR D 54 -1.01 6.98 14.09
N GLU D 55 -0.30 8.11 14.03
CA GLU D 55 -0.68 9.29 14.80
C GLU D 55 -0.15 10.58 14.15
N PRO D 56 -0.43 10.79 12.85
CA PRO D 56 0.12 11.95 12.14
C PRO D 56 -0.70 13.22 12.39
N VAL D 57 -0.89 13.56 13.67
CA VAL D 57 -1.76 14.67 14.05
C VAL D 57 -0.93 15.90 14.35
N LYS D 58 -1.52 17.07 14.11
CA LYS D 58 -0.83 18.34 14.32
C LYS D 58 -0.63 18.65 15.79
N ASP D 59 -1.68 18.43 16.58
CA ASP D 59 -1.64 18.72 18.02
C ASP D 59 -1.47 17.43 18.80
N ILE D 60 -0.52 17.43 19.73
CA ILE D 60 -0.20 16.23 20.50
C ILE D 60 -1.44 15.67 21.22
N MET D 61 -1.59 14.35 21.17
CA MET D 61 -2.67 13.67 21.86
C MET D 61 -2.06 12.85 23.00
N ILE D 62 -2.43 13.17 24.23
CA ILE D 62 -2.01 12.42 25.40
C ILE D 62 -3.05 11.34 25.65
N LYS D 63 -2.62 10.08 25.65
CA LYS D 63 -3.50 8.91 25.74
C LYS D 63 -4.53 8.98 26.87
N THR D 64 -4.02 9.34 28.05
CA THR D 64 -4.81 9.42 29.27
C THR D 64 -5.79 10.59 29.28
N ALA D 65 -5.54 11.57 28.40
CA ALA D 65 -6.44 12.70 28.24
C ALA D 65 -7.53 12.41 27.21
N PRO D 66 -8.61 13.22 27.24
CA PRO D 66 -9.61 13.10 26.19
C PRO D 66 -9.02 13.45 24.83
N ALA D 67 -9.34 12.65 23.83
CA ALA D 67 -8.91 12.91 22.47
C ALA D 67 -9.48 14.23 21.95
N LEU D 68 -10.72 14.52 22.36
CA LEU D 68 -11.38 15.77 22.00
C LEU D 68 -11.79 16.52 23.25
N ASN D 69 -11.20 17.70 23.44
CA ASN D 69 -11.51 18.57 24.58
C ASN D 69 -11.87 19.97 24.10
O1 HEZ E . 29.29 -26.15 -17.21
C1 HEZ E . 29.73 -27.31 -16.53
C2 HEZ E . 30.73 -28.05 -17.41
C3 HEZ E . 30.02 -28.71 -18.60
C4 HEZ E . 31.03 -29.24 -19.60
C5 HEZ E . 30.43 -30.34 -20.45
C6 HEZ E . 31.30 -30.62 -21.66
O6 HEZ E . 30.96 -31.91 -22.20
O1 HEZ F . 6.92 -15.69 -18.40
C1 HEZ F . 5.52 -15.45 -18.25
C2 HEZ F . 4.91 -16.50 -17.34
C3 HEZ F . 5.50 -16.43 -15.93
C4 HEZ F . 4.88 -17.50 -15.03
C5 HEZ F . 5.87 -17.98 -13.98
C6 HEZ F . 5.34 -19.16 -13.20
O6 HEZ F . 4.65 -18.70 -12.04
CA CA G . 11.98 -5.04 25.34
CA CA H . -3.26 -1.47 34.50
CA CA I . -7.83 9.24 25.63
CL CL J . 29.48 -23.39 -32.65
CL CL K . 29.48 -12.64 -31.88
CL CL L . -9.26 19.47 -27.74
O1 HEZ M . 2.31 4.67 -24.01
C1 HEZ M . 2.93 3.38 -24.11
C2 HEZ M . 1.89 2.30 -24.40
C3 HEZ M . 2.56 0.96 -24.63
C4 HEZ M . 1.53 -0.15 -24.85
C5 HEZ M . 1.03 -0.74 -23.53
C6 HEZ M . 0.37 -2.09 -23.74
O6 HEZ M . -0.32 -2.49 -22.55
CA CA N . 7.49 35.79 -5.52
CL CL O . -11.78 22.54 -13.08
#